data_9BOW
#
_entry.id   9BOW
#
_cell.length_a   58.131
_cell.length_b   82.814
_cell.length_c   94.446
_cell.angle_alpha   90.00
_cell.angle_beta   91.58
_cell.angle_gamma   90.00
#
_symmetry.space_group_name_H-M   'P 1 21 1'
#
loop_
_entity.id
_entity.type
_entity.pdbx_description
1 polymer 'Serine hydroxymethyltransferase'
2 polymer 'Serine hydroxymethyltransferase'
3 non-polymer SERINE
4 non-polymer 'SULFATE ION'
5 non-polymer (E)-N-({3-hydroxy-2-methyl-5-[(phosphonooxy)methyl]pyridin-4-yl}methylidene)-L-serine
6 non-polymer 'N-[4-({[(6S)-2-amino-5-formyl-4-oxo-3,4,5,6,7,8-hexahydropteridin-6-yl]methyl}amino)benzoyl]-L-glutamic acid'
7 water water
#
loop_
_entity_poly.entity_id
_entity_poly.type
_entity_poly.pdbx_seq_one_letter_code
_entity_poly.pdbx_strand_id
1 'polypeptide(L)'
;KRDEALFELIALEEKRQREGLELIASENFVSKQVREAVGSVLTNKYAEGYPGARYYGGCEVIDRVESLAIERAKALFGAA
WANVQPHSGSQANMAVYMALMEPGDTLMGMDLAAGGHLTHGSRVNFSGKLYKVVSYGVRPDTELIDLEEVRRLALEHRPK
VIVAGASAYPRFWDFKAFREIADEVGAYLVVDMAHFAGLVAAGLHPNPLPYAHVVTSTTH(LLP)TLRGPRGGLILSNDP
ELGKRIDKLIFPGIQGGPLEHVIAGKAVAFFEALQPEFKEYSRLVVENAKRLAEELARRGYRIVTGGTDNHLFLVDLRPK
GLTGKEAEERLDAVGITVNKNAIPFDPKPPRVTSGIRIGTPAITTRGFTPEEMPLVAELIDRALLEGPSEALREEVRRLA
LAHPMP
;
A
2 'polypeptide(L)'
;KRDEALFELIALEEKRQREGLELIASENFVSKQVREAVGSVLTNKYAEGYPGARYYGGCEVIDRVESLAIERAKALFGAA
WANVQPHSGSQANMAVYMALMEPGDTLMGMDLAAGGHLTHGSRVNFSGKLYKVVSYGVRPDTELIDLEEVRRLALEHRPK
VIVAGASAYPRFWDFKAFREIADEVGAYLVVDMAHFAGLVAAGLHPNPLPYAHVVTSTTHKTLRGPRGGLILSNDPELGK
RIDKLIFPGIQGGPLEHVIAGKAVAFFEALQPEFKEYSRLVVENAKRLAEELARRGYRIVTGGTDNHLFLVDLRPKGLTG
KEAEERLDAVGITVNKNAIPFDPKPPRVTSGIRIGTPAITTRGFTPEEMPLVAELIDRALLEGPSEALREEVRRLALAHP
MP
;
B
#
loop_
_chem_comp.id
_chem_comp.type
_chem_comp.name
_chem_comp.formula
FFO non-polymer 'N-[4-({[(6S)-2-amino-5-formyl-4-oxo-3,4,5,6,7,8-hexahydropteridin-6-yl]methyl}amino)benzoyl]-L-glutamic acid' 'C20 H23 N7 O7'
KOU non-polymer (E)-N-({3-hydroxy-2-methyl-5-[(phosphonooxy)methyl]pyridin-4-yl}methylidene)-L-serine 'C11 H15 N2 O8 P'
SO4 non-polymer 'SULFATE ION' 'O4 S -2'
#
# COMPACT_ATOMS: atom_id res chain seq x y z
N LYS A 1 7.89 -8.23 25.93
CA LYS A 1 6.94 -9.34 25.74
C LYS A 1 6.69 -9.68 24.28
N ARG A 2 6.81 -10.95 23.92
CA ARG A 2 6.42 -11.38 22.57
C ARG A 2 4.92 -11.45 22.42
N ASP A 3 4.40 -11.05 21.26
CA ASP A 3 2.96 -11.12 21.02
C ASP A 3 2.61 -12.57 20.64
N GLU A 4 2.46 -13.43 21.67
CA GLU A 4 2.32 -14.85 21.40
C GLU A 4 1.00 -15.21 20.73
N ALA A 5 -0.09 -14.50 21.02
CA ALA A 5 -1.35 -14.81 20.34
C ALA A 5 -1.22 -14.61 18.84
N LEU A 6 -0.57 -13.53 18.43
CA LEU A 6 -0.41 -13.25 16.99
C LEU A 6 0.54 -14.26 16.37
N PHE A 7 1.66 -14.55 17.03
CA PHE A 7 2.62 -15.44 16.37
C PHE A 7 2.13 -16.88 16.34
N GLU A 8 1.25 -17.25 17.27
CA GLU A 8 0.58 -18.55 17.15
C GLU A 8 -0.23 -18.62 15.85
N LEU A 9 -0.92 -17.53 15.48
CA LEU A 9 -1.65 -17.54 14.21
C LEU A 9 -0.71 -17.59 13.01
N ILE A 10 0.43 -16.89 13.05
CA ILE A 10 1.34 -16.97 11.91
C ILE A 10 1.83 -18.41 11.74
N ALA A 11 2.17 -19.10 12.84
CA ALA A 11 2.58 -20.51 12.73
C ALA A 11 1.47 -21.37 12.09
N LEU A 12 0.21 -21.12 12.46
CA LEU A 12 -0.91 -21.87 11.88
C LEU A 12 -1.04 -21.59 10.39
N GLU A 13 -0.79 -20.33 9.99
CA GLU A 13 -0.89 -20.00 8.58
C GLU A 13 0.25 -20.62 7.78
N GLU A 14 1.45 -20.64 8.36
CA GLU A 14 2.56 -21.35 7.73
C GLU A 14 2.20 -22.82 7.50
N LYS A 15 1.62 -23.44 8.52
CA LYS A 15 1.23 -24.85 8.39
C LYS A 15 0.13 -25.01 7.34
N ARG A 16 -0.87 -24.13 7.36
CA ARG A 16 -1.92 -24.21 6.35
C ARG A 16 -1.34 -24.11 4.94
N GLN A 17 -0.42 -23.17 4.71
CA GLN A 17 0.16 -23.01 3.38
C GLN A 17 0.95 -24.25 2.97
N ARG A 18 1.65 -24.88 3.92
CA ARG A 18 2.42 -26.10 3.60
C ARG A 18 1.53 -27.29 3.22
N GLU A 19 0.32 -27.38 3.77
CA GLU A 19 -0.44 -28.63 3.81
C GLU A 19 -1.58 -28.67 2.81
N GLY A 20 -1.70 -27.68 1.92
CA GLY A 20 -2.75 -27.69 0.91
C GLY A 20 -2.16 -27.39 -0.46
N LEU A 21 -3.00 -27.56 -1.50
CA LEU A 21 -2.60 -27.23 -2.88
C LEU A 21 -3.28 -25.92 -3.26
N GLU A 22 -2.47 -24.88 -3.44
CA GLU A 22 -2.97 -23.56 -3.78
C GLU A 22 -3.04 -23.46 -5.31
N LEU A 23 -4.26 -23.48 -5.87
CA LEU A 23 -4.46 -23.38 -7.32
C LEU A 23 -5.11 -22.06 -7.73
N ILE A 24 -5.23 -21.10 -6.81
CA ILE A 24 -5.77 -19.81 -7.24
C ILE A 24 -4.72 -19.09 -8.08
N ALA A 25 -5.14 -18.64 -9.26
CA ALA A 25 -4.22 -18.25 -10.32
C ALA A 25 -3.35 -17.05 -9.96
N SER A 26 -3.81 -16.23 -9.04
CA SER A 26 -3.08 -15.02 -8.66
C SER A 26 -2.02 -15.29 -7.60
N GLU A 27 -1.96 -16.51 -7.07
CA GLU A 27 -1.14 -16.74 -5.89
C GLU A 27 0.27 -17.14 -6.27
N ASN A 28 1.19 -16.95 -5.34
CA ASN A 28 2.54 -17.46 -5.50
C ASN A 28 3.14 -17.47 -4.11
N PHE A 29 4.34 -18.02 -3.99
CA PHE A 29 5.06 -18.10 -2.73
C PHE A 29 6.39 -17.39 -2.91
N VAL A 30 6.58 -16.28 -2.17
CA VAL A 30 7.82 -15.51 -2.32
C VAL A 30 8.98 -16.22 -1.63
N SER A 31 10.18 -15.88 -2.05
CA SER A 31 11.40 -16.49 -1.53
C SER A 31 11.73 -15.92 -0.14
N LYS A 32 12.62 -16.61 0.57
CA LYS A 32 13.02 -16.12 1.89
C LYS A 32 13.71 -14.77 1.80
N GLN A 33 14.46 -14.52 0.71
CA GLN A 33 15.13 -13.24 0.64
C GLN A 33 14.18 -12.10 0.30
N VAL A 34 13.14 -12.37 -0.51
CA VAL A 34 12.08 -11.36 -0.65
C VAL A 34 11.47 -11.03 0.72
N ARG A 35 11.19 -12.04 1.52
CA ARG A 35 10.66 -11.78 2.87
C ARG A 35 11.66 -11.01 3.73
N GLU A 36 12.95 -11.38 3.62
CA GLU A 36 13.98 -10.70 4.42
C GLU A 36 14.02 -9.20 4.11
N ALA A 37 13.96 -8.82 2.82
CA ALA A 37 13.92 -7.41 2.45
C ALA A 37 12.66 -6.72 2.95
N VAL A 38 11.51 -7.38 2.81
CA VAL A 38 10.26 -6.76 3.23
C VAL A 38 10.22 -6.58 4.76
N GLY A 39 10.87 -7.48 5.49
CA GLY A 39 10.93 -7.33 6.93
C GLY A 39 12.09 -6.50 7.44
N SER A 40 12.70 -5.68 6.59
CA SER A 40 13.90 -4.95 6.95
C SER A 40 13.58 -3.64 7.67
N VAL A 41 14.63 -3.00 8.20
CA VAL A 41 14.48 -1.71 8.85
C VAL A 41 14.18 -0.59 7.87
N LEU A 42 14.15 -0.88 6.56
CA LEU A 42 13.84 0.19 5.60
C LEU A 42 12.42 0.75 5.80
N THR A 43 11.54 0.02 6.45
CA THR A 43 10.22 0.56 6.78
C THR A 43 10.34 1.82 7.63
N ASN A 44 11.47 2.01 8.32
CA ASN A 44 11.52 3.15 9.22
C ASN A 44 11.69 4.49 8.51
N LYS A 45 11.95 4.49 7.21
CA LYS A 45 12.36 5.71 6.54
C LYS A 45 11.20 6.36 5.79
N TYR A 46 10.95 7.63 6.08
CA TYR A 46 10.03 8.42 5.25
C TYR A 46 10.90 8.91 4.07
N ALA A 47 10.40 8.71 2.86
CA ALA A 47 11.18 9.06 1.68
C ALA A 47 10.28 9.58 0.55
N GLU A 48 9.38 10.51 0.88
CA GLU A 48 8.52 11.11 -0.15
C GLU A 48 9.36 11.80 -1.20
N GLY A 49 8.88 11.75 -2.45
CA GLY A 49 9.66 12.23 -3.58
C GLY A 49 10.30 11.10 -4.35
N TYR A 50 11.43 11.35 -5.01
CA TYR A 50 12.11 10.36 -5.84
C TYR A 50 13.60 10.41 -5.52
N PRO A 51 14.39 9.43 -5.94
CA PRO A 51 15.82 9.43 -5.61
C PRO A 51 16.49 10.74 -6.00
N GLY A 52 17.27 11.29 -5.07
CA GLY A 52 17.88 12.60 -5.26
C GLY A 52 16.95 13.79 -5.23
N ALA A 53 15.66 13.57 -4.98
CA ALA A 53 14.70 14.66 -4.96
C ALA A 53 13.65 14.33 -3.90
N ARG A 54 14.12 14.21 -2.65
CA ARG A 54 13.33 13.78 -1.50
C ARG A 54 12.91 14.98 -0.65
N TYR A 55 11.86 14.79 0.14
CA TYR A 55 11.39 15.81 1.07
C TYR A 55 11.91 15.61 2.49
N TYR A 56 12.86 14.71 2.64
CA TYR A 56 13.43 14.40 3.97
C TYR A 56 14.94 14.17 3.91
N GLY A 57 15.62 14.49 5.01
CA GLY A 57 17.03 14.12 5.10
C GLY A 57 17.15 12.61 5.24
N GLY A 58 18.40 12.13 5.19
CA GLY A 58 18.69 10.74 5.55
C GLY A 58 18.38 9.70 4.48
N CYS A 59 18.07 10.09 3.25
CA CYS A 59 17.62 9.14 2.24
C CYS A 59 18.73 8.61 1.32
N GLU A 60 20.00 8.89 1.64
N GLU A 60 20.00 8.89 1.63
CA GLU A 60 21.09 8.53 0.73
CA GLU A 60 21.07 8.52 0.69
C GLU A 60 21.09 7.03 0.39
C GLU A 60 21.07 7.02 0.37
N VAL A 61 20.91 6.17 1.38
CA VAL A 61 20.91 4.72 1.11
C VAL A 61 19.59 4.28 0.48
N ILE A 62 18.47 4.75 1.01
CA ILE A 62 17.17 4.49 0.40
C ILE A 62 17.17 4.86 -1.09
N ASP A 63 17.86 5.95 -1.44
CA ASP A 63 17.90 6.34 -2.87
C ASP A 63 18.62 5.29 -3.71
N ARG A 64 19.72 4.72 -3.20
CA ARG A 64 20.38 3.64 -3.92
C ARG A 64 19.47 2.42 -4.07
N VAL A 65 18.66 2.12 -3.04
CA VAL A 65 17.75 0.97 -3.13
C VAL A 65 16.69 1.22 -4.19
N GLU A 66 16.03 2.38 -4.13
CA GLU A 66 14.93 2.62 -5.04
C GLU A 66 15.46 2.73 -6.47
N SER A 67 16.61 3.39 -6.66
CA SER A 67 17.18 3.49 -8.01
C SER A 67 17.55 2.10 -8.54
N LEU A 68 18.03 1.22 -7.65
CA LEU A 68 18.35 -0.15 -8.05
C LEU A 68 17.11 -0.90 -8.51
N ALA A 69 16.01 -0.77 -7.77
CA ALA A 69 14.75 -1.38 -8.19
C ALA A 69 14.31 -0.83 -9.54
N ILE A 70 14.45 0.49 -9.75
CA ILE A 70 14.02 1.11 -11.01
C ILE A 70 14.87 0.60 -12.17
N GLU A 71 16.19 0.59 -12.00
CA GLU A 71 17.07 0.19 -13.10
C GLU A 71 16.88 -1.28 -13.42
N ARG A 72 16.68 -2.13 -12.41
CA ARG A 72 16.46 -3.54 -12.69
C ARG A 72 15.11 -3.77 -13.41
N ALA A 73 14.07 -3.03 -13.02
CA ALA A 73 12.78 -3.15 -13.68
C ALA A 73 12.90 -2.78 -15.15
N LYS A 74 13.63 -1.71 -15.44
CA LYS A 74 13.82 -1.28 -16.83
C LYS A 74 14.59 -2.34 -17.61
N ALA A 75 15.62 -2.92 -17.00
CA ALA A 75 16.40 -3.97 -17.66
C ALA A 75 15.57 -5.24 -17.86
N LEU A 76 14.81 -5.63 -16.84
CA LEU A 76 14.01 -6.86 -16.93
C LEU A 76 12.94 -6.77 -18.02
N PHE A 77 12.25 -5.64 -18.09
CA PHE A 77 11.09 -5.52 -19.02
C PHE A 77 11.40 -4.75 -20.31
N GLY A 78 12.64 -4.32 -20.48
CA GLY A 78 12.96 -3.50 -21.64
C GLY A 78 12.17 -2.21 -21.68
N ALA A 79 12.20 -1.44 -20.59
CA ALA A 79 11.46 -0.20 -20.43
C ALA A 79 12.42 0.98 -20.35
N ALA A 80 11.93 2.19 -20.66
CA ALA A 80 12.72 3.40 -20.58
C ALA A 80 12.46 4.17 -19.28
N TRP A 81 11.42 3.81 -18.54
CA TRP A 81 11.04 4.50 -17.31
C TRP A 81 10.27 3.52 -16.44
N ALA A 82 10.44 3.65 -15.13
CA ALA A 82 9.67 2.84 -14.19
C ALA A 82 9.34 3.67 -12.96
N ASN A 83 8.20 3.34 -12.36
CA ASN A 83 7.88 3.79 -11.00
C ASN A 83 7.64 2.57 -10.13
N VAL A 84 8.43 2.41 -9.06
CA VAL A 84 8.34 1.26 -8.19
C VAL A 84 7.67 1.58 -6.87
N GLN A 85 7.10 2.79 -6.72
CA GLN A 85 6.39 3.14 -5.49
C GLN A 85 4.93 2.69 -5.33
N PRO A 86 4.17 2.23 -6.35
CA PRO A 86 2.74 1.96 -6.08
C PRO A 86 2.57 0.90 -5.00
N HIS A 87 1.69 1.19 -4.03
CA HIS A 87 1.49 0.24 -2.92
C HIS A 87 0.86 -1.07 -3.37
N SER A 88 0.21 -1.07 -4.54
CA SER A 88 -0.54 -2.25 -5.00
C SER A 88 -0.76 -2.09 -6.49
N GLY A 89 -1.26 -3.16 -7.12
CA GLY A 89 -1.67 -3.04 -8.52
C GLY A 89 -2.79 -2.02 -8.71
N SER A 90 -3.71 -1.97 -7.75
CA SER A 90 -4.80 -0.98 -7.84
C SER A 90 -4.28 0.46 -7.81
N GLN A 91 -3.30 0.74 -6.95
CA GLN A 91 -2.72 2.08 -6.90
C GLN A 91 -1.90 2.39 -8.15
N ALA A 92 -1.28 1.37 -8.76
CA ALA A 92 -0.63 1.63 -10.06
C ALA A 92 -1.65 2.10 -11.08
N ASN A 93 -2.76 1.38 -11.21
CA ASN A 93 -3.82 1.79 -12.13
C ASN A 93 -4.39 3.16 -11.77
N MET A 94 -4.66 3.38 -10.49
CA MET A 94 -5.25 4.67 -10.08
C MET A 94 -4.36 5.85 -10.51
N ALA A 95 -3.05 5.78 -10.23
CA ALA A 95 -2.18 6.88 -10.61
C ALA A 95 -2.18 7.09 -12.12
N VAL A 96 -2.20 6.01 -12.89
CA VAL A 96 -2.15 6.16 -14.34
C VAL A 96 -3.43 6.80 -14.85
N TYR A 97 -4.58 6.29 -14.38
CA TYR A 97 -5.86 6.88 -14.80
C TYR A 97 -5.92 8.34 -14.44
N MET A 98 -5.46 8.68 -13.22
CA MET A 98 -5.53 10.08 -12.82
C MET A 98 -4.55 10.96 -13.56
N ALA A 99 -3.46 10.37 -14.06
CA ALA A 99 -2.52 11.12 -14.88
C ALA A 99 -3.05 11.34 -16.29
N LEU A 100 -3.88 10.43 -16.79
CA LEU A 100 -4.31 10.48 -18.19
C LEU A 100 -5.74 11.02 -18.36
N MET A 101 -6.53 11.03 -17.30
CA MET A 101 -7.95 11.39 -17.39
C MET A 101 -8.34 12.29 -16.24
N GLU A 102 -9.43 13.04 -16.46
CA GLU A 102 -10.13 13.76 -15.42
C GLU A 102 -11.44 13.05 -15.12
N PRO A 103 -11.99 13.19 -13.90
CA PRO A 103 -13.28 12.56 -13.61
C PRO A 103 -14.30 12.95 -14.67
N GLY A 104 -15.12 11.98 -15.04
CA GLY A 104 -16.07 12.17 -16.10
C GLY A 104 -15.57 11.72 -17.45
N ASP A 105 -14.25 11.58 -17.65
CA ASP A 105 -13.76 11.05 -18.92
C ASP A 105 -14.19 9.60 -19.09
N THR A 106 -14.09 9.11 -20.31
CA THR A 106 -14.53 7.76 -20.62
C THR A 106 -13.35 6.77 -20.64
N LEU A 107 -13.50 5.68 -19.86
CA LEU A 107 -12.54 4.58 -19.73
C LEU A 107 -13.12 3.35 -20.40
N MET A 108 -12.30 2.64 -21.16
CA MET A 108 -12.75 1.41 -21.79
C MET A 108 -11.90 0.25 -21.28
N GLY A 109 -12.55 -0.84 -20.86
CA GLY A 109 -11.81 -1.92 -20.23
C GLY A 109 -12.62 -3.20 -20.33
N MET A 110 -11.99 -4.31 -20.00
CA MET A 110 -12.68 -5.61 -20.12
C MET A 110 -13.70 -5.80 -19.00
N ASP A 111 -14.89 -6.27 -19.38
CA ASP A 111 -15.95 -6.54 -18.42
C ASP A 111 -15.50 -7.55 -17.37
N LEU A 112 -15.83 -7.27 -16.10
CA LEU A 112 -15.48 -8.15 -14.98
C LEU A 112 -15.96 -9.57 -15.23
N ALA A 113 -17.21 -9.71 -15.67
CA ALA A 113 -17.76 -11.04 -15.93
C ALA A 113 -16.98 -11.77 -17.01
N ALA A 114 -16.34 -11.05 -17.93
CA ALA A 114 -15.57 -11.70 -18.99
C ALA A 114 -14.10 -11.92 -18.64
N GLY A 115 -13.65 -11.51 -17.46
CA GLY A 115 -12.28 -11.72 -17.05
C GLY A 115 -11.54 -10.45 -16.65
N GLY A 116 -12.16 -9.27 -16.83
CA GLY A 116 -11.52 -8.03 -16.43
C GLY A 116 -11.36 -7.90 -14.92
N HIS A 117 -10.52 -6.95 -14.51
CA HIS A 117 -10.32 -6.65 -13.09
C HIS A 117 -11.31 -5.58 -12.62
N LEU A 118 -11.57 -5.56 -11.29
CA LEU A 118 -12.36 -4.48 -10.69
C LEU A 118 -11.92 -3.10 -11.18
N THR A 119 -10.60 -2.90 -11.33
CA THR A 119 -10.09 -1.57 -11.70
C THR A 119 -10.23 -1.29 -13.18
N HIS A 120 -10.87 -2.17 -13.95
CA HIS A 120 -11.07 -1.93 -15.37
C HIS A 120 -12.46 -1.37 -15.68
N GLY A 121 -13.12 -0.82 -14.67
CA GLY A 121 -14.40 -0.14 -14.91
C GLY A 121 -15.56 -0.56 -14.03
N SER A 122 -15.34 -1.39 -13.03
CA SER A 122 -16.47 -1.84 -12.21
C SER A 122 -17.14 -0.66 -11.50
N ARG A 123 -18.47 -0.64 -11.48
CA ARG A 123 -19.23 0.48 -10.87
C ARG A 123 -18.99 0.57 -9.34
N VAL A 124 -18.56 -0.52 -8.72
CA VAL A 124 -18.30 -0.46 -7.28
C VAL A 124 -16.85 -0.10 -6.98
N ASN A 125 -16.04 0.12 -8.01
CA ASN A 125 -14.63 0.50 -7.89
C ASN A 125 -14.47 1.96 -8.33
N PHE A 126 -13.39 2.62 -7.86
CA PHE A 126 -13.18 4.02 -8.24
C PHE A 126 -13.17 4.17 -9.76
N SER A 127 -12.73 3.13 -10.48
CA SER A 127 -12.62 3.21 -11.94
C SER A 127 -13.98 3.44 -12.59
N GLY A 128 -15.06 2.85 -12.05
CA GLY A 128 -16.40 3.05 -12.58
C GLY A 128 -17.21 4.10 -11.85
N LYS A 129 -16.65 4.68 -10.79
CA LYS A 129 -17.25 5.78 -10.06
C LYS A 129 -16.76 7.13 -10.58
N LEU A 130 -15.46 7.27 -10.82
CA LEU A 130 -14.93 8.54 -11.29
C LEU A 130 -15.09 8.73 -12.78
N TYR A 131 -15.09 7.64 -13.54
CA TYR A 131 -15.08 7.71 -15.00
C TYR A 131 -16.33 7.06 -15.57
N LYS A 132 -16.72 7.50 -16.76
CA LYS A 132 -17.73 6.79 -17.54
C LYS A 132 -17.04 5.57 -18.16
N VAL A 133 -17.75 4.45 -18.23
CA VAL A 133 -17.11 3.18 -18.59
C VAL A 133 -17.76 2.58 -19.82
N VAL A 134 -16.95 2.13 -20.75
CA VAL A 134 -17.39 1.29 -21.85
C VAL A 134 -16.69 -0.05 -21.68
N SER A 135 -17.45 -1.15 -21.64
CA SER A 135 -16.78 -2.43 -21.46
C SER A 135 -16.81 -3.29 -22.71
N TYR A 136 -15.78 -4.14 -22.84
CA TYR A 136 -15.76 -5.16 -23.87
C TYR A 136 -15.60 -6.53 -23.20
N GLY A 137 -16.02 -7.56 -23.91
CA GLY A 137 -15.98 -8.89 -23.37
C GLY A 137 -15.43 -9.91 -24.32
N VAL A 138 -16.05 -11.08 -24.33
CA VAL A 138 -15.63 -12.10 -25.24
C VAL A 138 -16.80 -12.52 -26.15
N ARG A 139 -16.45 -12.96 -27.32
CA ARG A 139 -17.44 -13.44 -28.24
C ARG A 139 -18.14 -14.75 -27.78
N PRO A 140 -19.46 -14.83 -27.96
CA PRO A 140 -20.09 -16.06 -27.45
C PRO A 140 -19.62 -17.28 -28.22
N ASP A 141 -19.32 -17.12 -29.51
CA ASP A 141 -18.98 -18.28 -30.31
C ASP A 141 -17.51 -18.64 -30.28
N THR A 142 -16.60 -17.72 -29.89
CA THR A 142 -15.17 -18.05 -29.77
C THR A 142 -14.69 -18.14 -28.32
N GLU A 143 -15.35 -17.44 -27.41
CA GLU A 143 -14.84 -17.32 -26.01
C GLU A 143 -13.58 -16.42 -25.99
N LEU A 144 -13.32 -15.70 -27.08
CA LEU A 144 -12.15 -14.85 -27.17
C LEU A 144 -12.57 -13.40 -27.34
N ILE A 145 -11.63 -12.49 -27.06
CA ILE A 145 -11.85 -11.09 -27.40
C ILE A 145 -12.12 -10.96 -28.89
N ASP A 146 -13.02 -10.05 -29.25
CA ASP A 146 -13.34 -9.75 -30.66
C ASP A 146 -12.78 -8.36 -30.95
N LEU A 147 -11.62 -8.29 -31.61
CA LEU A 147 -11.03 -6.98 -31.90
C LEU A 147 -11.93 -6.10 -32.74
N GLU A 148 -12.77 -6.68 -33.62
CA GLU A 148 -13.65 -5.83 -34.42
C GLU A 148 -14.68 -5.14 -33.54
N GLU A 149 -15.15 -5.84 -32.53
CA GLU A 149 -16.08 -5.24 -31.58
C GLU A 149 -15.38 -4.23 -30.67
N VAL A 150 -14.15 -4.53 -30.20
CA VAL A 150 -13.38 -3.52 -29.48
C VAL A 150 -13.27 -2.24 -30.32
N ARG A 151 -12.94 -2.40 -31.60
CA ARG A 151 -12.79 -1.23 -32.45
C ARG A 151 -14.12 -0.52 -32.62
N ARG A 152 -15.21 -1.28 -32.83
CA ARG A 152 -16.52 -0.65 -33.00
C ARG A 152 -16.90 0.15 -31.78
N LEU A 153 -16.70 -0.43 -30.59
CA LEU A 153 -17.02 0.28 -29.35
C LEU A 153 -16.16 1.52 -29.17
N ALA A 154 -14.86 1.44 -29.48
CA ALA A 154 -13.97 2.59 -29.33
C ALA A 154 -14.35 3.72 -30.28
N LEU A 155 -14.73 3.39 -31.53
CA LEU A 155 -15.16 4.47 -32.42
C LEU A 155 -16.45 5.12 -31.95
N GLU A 156 -17.39 4.33 -31.41
CA GLU A 156 -18.67 4.87 -30.96
C GLU A 156 -18.51 5.73 -29.71
N HIS A 157 -17.67 5.29 -28.79
CA HIS A 157 -17.60 5.98 -27.47
C HIS A 157 -16.37 6.89 -27.28
N ARG A 158 -15.37 6.77 -28.12
CA ARG A 158 -14.19 7.66 -28.06
C ARG A 158 -13.65 7.67 -26.62
N PRO A 159 -13.27 6.51 -26.08
CA PRO A 159 -12.63 6.52 -24.76
C PRO A 159 -11.35 7.35 -24.77
N LYS A 160 -11.04 7.94 -23.62
CA LYS A 160 -9.75 8.60 -23.44
C LYS A 160 -8.62 7.59 -23.18
N VAL A 161 -8.94 6.49 -22.49
CA VAL A 161 -8.01 5.41 -22.14
C VAL A 161 -8.69 4.11 -22.51
N ILE A 162 -7.94 3.21 -23.17
CA ILE A 162 -8.35 1.83 -23.38
C ILE A 162 -7.39 0.94 -22.58
N VAL A 163 -7.93 0.07 -21.73
CA VAL A 163 -7.13 -0.89 -20.97
C VAL A 163 -7.20 -2.25 -21.64
N ALA A 164 -6.05 -2.86 -21.85
CA ALA A 164 -5.93 -4.25 -22.24
C ALA A 164 -5.27 -5.02 -21.09
N GLY A 165 -5.55 -6.30 -21.00
CA GLY A 165 -5.15 -7.05 -19.81
C GLY A 165 -6.34 -7.42 -18.95
N ALA A 166 -6.15 -8.40 -18.07
CA ALA A 166 -7.30 -8.97 -17.39
C ALA A 166 -6.81 -9.83 -16.23
N SER A 167 -7.75 -10.24 -15.37
CA SER A 167 -7.46 -11.13 -14.26
C SER A 167 -7.82 -12.58 -14.57
N ALA A 168 -8.65 -12.82 -15.57
CA ALA A 168 -9.05 -14.22 -15.81
C ALA A 168 -9.31 -14.41 -17.29
N TYR A 169 -8.31 -14.09 -18.12
CA TYR A 169 -8.37 -14.33 -19.58
C TYR A 169 -7.25 -15.27 -19.96
N PRO A 170 -7.53 -16.47 -20.48
CA PRO A 170 -6.50 -17.52 -20.65
C PRO A 170 -5.70 -17.48 -21.95
N ARG A 171 -5.81 -16.44 -22.78
CA ARG A 171 -5.05 -16.43 -24.04
C ARG A 171 -4.25 -15.14 -24.18
N PHE A 172 -3.30 -15.17 -25.12
CA PHE A 172 -2.51 -14.00 -25.48
C PHE A 172 -3.37 -12.81 -25.89
N TRP A 173 -2.76 -11.62 -25.82
CA TRP A 173 -3.39 -10.37 -26.24
C TRP A 173 -2.71 -9.87 -27.50
N ASP A 174 -3.51 -9.31 -28.41
CA ASP A 174 -2.97 -8.68 -29.61
C ASP A 174 -2.74 -7.21 -29.28
N PHE A 175 -1.58 -6.94 -28.66
CA PHE A 175 -1.28 -5.58 -28.22
C PHE A 175 -1.14 -4.64 -29.40
N LYS A 176 -0.63 -5.14 -30.53
CA LYS A 176 -0.48 -4.29 -31.70
C LYS A 176 -1.84 -3.81 -32.20
N ALA A 177 -2.82 -4.71 -32.27
CA ALA A 177 -4.16 -4.32 -32.68
C ALA A 177 -4.78 -3.36 -31.68
N PHE A 178 -4.58 -3.60 -30.37
CA PHE A 178 -5.13 -2.67 -29.40
C PHE A 178 -4.53 -1.27 -29.59
N ARG A 179 -3.22 -1.19 -29.86
CA ARG A 179 -2.61 0.12 -30.07
C ARG A 179 -3.15 0.76 -31.35
N GLU A 180 -3.39 -0.04 -32.38
CA GLU A 180 -3.98 0.50 -33.64
C GLU A 180 -5.34 1.11 -33.33
N ILE A 181 -6.15 0.39 -32.56
CA ILE A 181 -7.48 0.86 -32.23
C ILE A 181 -7.40 2.13 -31.40
N ALA A 182 -6.53 2.14 -30.37
CA ALA A 182 -6.37 3.35 -29.58
C ALA A 182 -5.91 4.52 -30.47
N ASP A 183 -5.00 4.27 -31.41
CA ASP A 183 -4.52 5.36 -32.26
C ASP A 183 -5.64 5.92 -33.14
N GLU A 184 -6.52 5.05 -33.63
CA GLU A 184 -7.60 5.49 -34.51
C GLU A 184 -8.53 6.47 -33.79
N VAL A 185 -8.67 6.35 -32.47
CA VAL A 185 -9.59 7.22 -31.74
C VAL A 185 -8.87 8.20 -30.83
N GLY A 186 -7.54 8.21 -30.82
CA GLY A 186 -6.81 9.20 -30.00
C GLY A 186 -6.78 8.84 -28.52
N ALA A 187 -6.99 7.57 -28.20
CA ALA A 187 -6.94 7.10 -26.81
C ALA A 187 -5.51 6.70 -26.41
N TYR A 188 -5.24 6.76 -25.10
CA TYR A 188 -4.05 6.08 -24.58
C TYR A 188 -4.37 4.60 -24.46
N LEU A 189 -3.39 3.75 -24.79
CA LEU A 189 -3.47 2.32 -24.48
C LEU A 189 -2.70 2.05 -23.20
N VAL A 190 -3.40 1.54 -22.18
CA VAL A 190 -2.80 1.10 -20.92
C VAL A 190 -2.87 -0.41 -20.93
N VAL A 191 -1.75 -1.08 -20.70
CA VAL A 191 -1.77 -2.54 -20.56
C VAL A 191 -1.55 -2.85 -19.09
N ASP A 192 -2.52 -3.52 -18.49
CA ASP A 192 -2.42 -4.02 -17.12
C ASP A 192 -1.96 -5.46 -17.21
N MET A 193 -0.65 -5.69 -17.08
CA MET A 193 -0.09 -7.03 -17.20
C MET A 193 0.03 -7.77 -15.87
N ALA A 194 -0.63 -7.32 -14.80
CA ALA A 194 -0.40 -7.90 -13.47
C ALA A 194 -0.37 -9.43 -13.51
N HIS A 195 -1.39 -9.99 -14.20
CA HIS A 195 -1.42 -11.45 -14.03
C HIS A 195 -0.22 -12.11 -14.70
N PHE A 196 0.16 -11.68 -15.90
CA PHE A 196 1.13 -12.39 -16.73
C PHE A 196 2.49 -11.69 -16.75
N ALA A 197 2.76 -10.79 -15.79
CA ALA A 197 4.02 -10.03 -15.83
C ALA A 197 5.24 -10.92 -15.73
N GLY A 198 5.20 -11.95 -14.90
CA GLY A 198 6.30 -12.91 -14.85
C GLY A 198 6.57 -13.58 -16.20
N LEU A 199 5.51 -13.95 -16.92
CA LEU A 199 5.67 -14.58 -18.22
C LEU A 199 6.24 -13.60 -19.24
N VAL A 200 5.86 -12.32 -19.15
CA VAL A 200 6.49 -11.29 -19.98
C VAL A 200 7.97 -11.18 -19.63
N ALA A 201 8.29 -11.08 -18.34
CA ALA A 201 9.70 -11.01 -17.90
C ALA A 201 10.53 -12.17 -18.45
N ALA A 202 9.96 -13.35 -18.50
CA ALA A 202 10.63 -14.55 -18.99
C ALA A 202 10.63 -14.70 -20.50
N GLY A 203 9.99 -13.78 -21.23
CA GLY A 203 9.93 -13.91 -22.67
C GLY A 203 8.94 -14.93 -23.17
N LEU A 204 7.99 -15.35 -22.33
CA LEU A 204 7.06 -16.42 -22.68
C LEU A 204 5.66 -15.90 -22.94
N HIS A 205 5.48 -14.58 -22.97
CA HIS A 205 4.22 -13.90 -23.25
C HIS A 205 4.62 -12.68 -24.07
N PRO A 206 3.87 -12.27 -25.13
CA PRO A 206 4.20 -11.05 -25.85
C PRO A 206 4.44 -9.84 -24.93
N ASN A 207 5.47 -9.06 -25.22
CA ASN A 207 5.79 -7.91 -24.35
C ASN A 207 4.95 -6.72 -24.78
N PRO A 208 4.16 -6.10 -23.88
CA PRO A 208 3.30 -5.00 -24.28
C PRO A 208 4.00 -3.64 -24.34
N LEU A 209 5.20 -3.56 -23.78
CA LEU A 209 5.87 -2.24 -23.62
C LEU A 209 5.93 -1.48 -24.95
N PRO A 210 6.34 -2.09 -26.07
CA PRO A 210 6.47 -1.27 -27.28
C PRO A 210 5.14 -0.74 -27.80
N TYR A 211 4.02 -1.35 -27.42
CA TYR A 211 2.71 -1.01 -27.96
C TYR A 211 1.86 -0.17 -27.03
N ALA A 212 1.99 -0.37 -25.71
CA ALA A 212 1.26 0.43 -24.74
C ALA A 212 1.88 1.81 -24.63
N HIS A 213 1.06 2.79 -24.23
CA HIS A 213 1.64 4.09 -23.84
C HIS A 213 2.19 3.90 -22.40
N VAL A 214 1.49 3.08 -21.59
CA VAL A 214 1.87 2.83 -20.20
C VAL A 214 1.52 1.39 -19.88
N VAL A 215 2.33 0.74 -19.05
CA VAL A 215 2.08 -0.63 -18.59
C VAL A 215 1.99 -0.60 -17.06
N THR A 216 0.92 -1.18 -16.52
CA THR A 216 0.84 -1.32 -15.06
C THR A 216 0.94 -2.79 -14.67
N SER A 217 1.28 -3.00 -13.40
CA SER A 217 1.37 -4.39 -12.93
C SER A 217 1.41 -4.51 -11.42
N THR A 218 1.19 -5.72 -10.97
CA THR A 218 1.47 -6.07 -9.58
C THR A 218 2.91 -6.60 -9.60
N THR A 219 3.61 -6.54 -8.48
CA THR A 219 4.92 -7.19 -8.41
C THR A 219 4.79 -8.62 -7.88
N HIS A 220 3.65 -8.95 -7.29
CA HIS A 220 3.30 -10.31 -6.94
C HIS A 220 2.54 -10.93 -8.13
N1 LLP A 221 -5.12 -5.52 -12.19
C2 LLP A 221 -5.05 -6.76 -12.58
C2' LLP A 221 -5.24 -7.09 -14.02
C3 LLP A 221 -4.80 -7.75 -11.57
O3 LLP A 221 -4.74 -9.05 -12.01
C4 LLP A 221 -4.67 -7.34 -10.21
C4' LLP A 221 -4.27 -8.31 -9.23
C5 LLP A 221 -4.75 -5.93 -9.98
C6 LLP A 221 -5.00 -5.07 -11.01
C5' LLP A 221 -4.69 -5.39 -8.59
OP4 LLP A 221 -3.64 -5.51 -7.75
P LLP A 221 -3.80 -5.41 -6.11
OP1 LLP A 221 -4.78 -6.52 -5.66
OP2 LLP A 221 -2.36 -5.56 -5.55
OP3 LLP A 221 -4.42 -4.06 -5.75
N LLP A 221 2.07 -12.22 -7.92
CA LLP A 221 1.42 -13.06 -8.93
CB LLP A 221 0.46 -12.26 -9.88
CG LLP A 221 -0.66 -11.60 -9.05
CD LLP A 221 -1.81 -10.92 -9.85
CE LLP A 221 -2.98 -10.40 -8.92
NZ LLP A 221 -3.75 -9.40 -9.68
C LLP A 221 2.51 -13.82 -9.71
O LLP A 221 3.41 -14.38 -9.07
N THR A 222 2.48 -13.84 -11.11
CA THR A 222 3.50 -14.64 -11.79
C THR A 222 4.91 -14.08 -11.66
N LEU A 223 5.04 -12.77 -11.41
CA LEU A 223 6.38 -12.22 -11.22
C LEU A 223 6.98 -12.67 -9.88
N ARG A 224 6.15 -13.16 -8.96
CA ARG A 224 6.61 -13.82 -7.73
C ARG A 224 7.36 -12.87 -6.81
N GLY A 225 7.02 -11.58 -6.83
CA GLY A 225 7.66 -10.63 -5.96
C GLY A 225 6.80 -10.29 -4.74
N PRO A 226 7.24 -9.32 -3.95
CA PRO A 226 6.44 -8.89 -2.80
C PRO A 226 5.13 -8.26 -3.28
N ARG A 227 4.16 -8.20 -2.37
CA ARG A 227 2.85 -7.64 -2.70
C ARG A 227 2.96 -6.12 -2.89
N GLY A 228 2.65 -5.65 -4.10
CA GLY A 228 2.79 -4.22 -4.39
C GLY A 228 2.58 -3.99 -5.87
N GLY A 229 2.83 -2.75 -6.30
CA GLY A 229 2.55 -2.34 -7.67
C GLY A 229 3.78 -1.79 -8.41
N LEU A 230 3.58 -1.57 -9.72
CA LEU A 230 4.67 -1.22 -10.62
C LEU A 230 4.08 -0.50 -11.83
N ILE A 231 4.79 0.50 -12.35
CA ILE A 231 4.42 1.18 -13.58
C ILE A 231 5.66 1.27 -14.48
N LEU A 232 5.47 1.05 -15.78
CA LEU A 232 6.54 1.04 -16.77
C LEU A 232 6.10 1.81 -18.02
N SER A 233 7.07 2.32 -18.80
CA SER A 233 6.68 2.92 -20.08
C SER A 233 7.92 3.01 -20.96
N ASN A 234 7.70 3.12 -22.26
CA ASN A 234 8.78 3.56 -23.15
C ASN A 234 8.80 5.07 -23.34
N ASP A 235 8.00 5.81 -22.57
CA ASP A 235 7.88 7.26 -22.76
C ASP A 235 8.23 7.97 -21.47
N PRO A 236 9.46 8.44 -21.31
CA PRO A 236 9.87 9.04 -20.03
C PRO A 236 9.21 10.36 -19.73
N GLU A 237 8.69 11.06 -20.74
CA GLU A 237 7.94 12.30 -20.48
C GLU A 237 6.58 11.97 -19.88
N LEU A 238 5.87 11.00 -20.46
CA LEU A 238 4.68 10.47 -19.80
C LEU A 238 5.02 9.94 -18.43
N GLY A 239 6.16 9.26 -18.29
CA GLY A 239 6.61 8.80 -16.99
C GLY A 239 6.70 9.90 -15.94
N LYS A 240 7.26 11.06 -16.32
CA LYS A 240 7.34 12.18 -15.38
C LYS A 240 5.96 12.63 -14.93
N ARG A 241 4.99 12.65 -15.84
CA ARG A 241 3.63 13.00 -15.45
C ARG A 241 3.08 12.00 -14.43
N ILE A 242 3.32 10.71 -14.65
CA ILE A 242 2.75 9.69 -13.76
C ILE A 242 3.47 9.69 -12.42
N ASP A 243 4.77 9.99 -12.42
CA ASP A 243 5.49 10.12 -11.14
C ASP A 243 4.80 11.15 -10.25
N LYS A 244 4.33 12.25 -10.83
CA LYS A 244 3.66 13.29 -10.03
C LYS A 244 2.33 12.80 -9.48
N LEU A 245 1.63 11.93 -10.22
CA LEU A 245 0.38 11.40 -9.67
C LEU A 245 0.64 10.40 -8.55
N ILE A 246 1.71 9.60 -8.61
CA ILE A 246 1.99 8.71 -7.50
C ILE A 246 2.29 9.53 -6.25
N PHE A 247 3.15 10.56 -6.40
CA PHE A 247 3.46 11.46 -5.29
C PHE A 247 3.72 12.83 -5.88
N PRO A 248 3.07 13.90 -5.39
CA PRO A 248 2.14 14.00 -4.26
C PRO A 248 0.69 13.65 -4.60
N GLY A 249 0.37 13.13 -5.78
CA GLY A 249 -1.01 12.92 -6.17
C GLY A 249 -1.84 11.97 -5.32
N ILE A 250 -1.42 10.71 -5.14
CA ILE A 250 -2.29 9.73 -4.52
C ILE A 250 -1.65 8.98 -3.37
N GLN A 251 -0.33 8.97 -3.21
CA GLN A 251 0.33 8.32 -2.08
C GLN A 251 1.13 9.34 -1.28
N GLY A 252 1.60 8.91 -0.10
CA GLY A 252 2.49 9.72 0.72
C GLY A 252 3.84 9.03 0.74
N GLY A 253 4.28 8.56 1.91
CA GLY A 253 5.55 7.86 1.97
C GLY A 253 5.49 6.51 1.28
N PRO A 254 6.46 6.20 0.43
CA PRO A 254 6.52 4.87 -0.20
C PRO A 254 6.99 3.82 0.80
N LEU A 255 6.70 2.56 0.49
CA LEU A 255 7.10 1.46 1.38
C LEU A 255 8.48 1.01 0.91
N GLU A 256 9.55 1.59 1.48
CA GLU A 256 10.87 1.32 0.93
C GLU A 256 11.37 -0.09 1.25
N HIS A 257 10.92 -0.71 2.35
CA HIS A 257 11.17 -2.14 2.57
C HIS A 257 10.56 -3.01 1.47
N VAL A 258 9.34 -2.67 1.01
CA VAL A 258 8.73 -3.40 -0.11
C VAL A 258 9.48 -3.12 -1.40
N ILE A 259 9.93 -1.88 -1.59
CA ILE A 259 10.73 -1.56 -2.77
C ILE A 259 12.03 -2.36 -2.79
N ALA A 260 12.66 -2.52 -1.63
CA ALA A 260 13.82 -3.41 -1.57
C ALA A 260 13.43 -4.82 -1.98
N GLY A 261 12.28 -5.31 -1.48
CA GLY A 261 11.76 -6.61 -1.93
C GLY A 261 11.51 -6.67 -3.44
N LYS A 262 11.06 -5.56 -4.03
CA LYS A 262 10.88 -5.55 -5.49
C LYS A 262 12.23 -5.66 -6.19
N ALA A 263 13.24 -4.92 -5.73
CA ALA A 263 14.59 -5.11 -6.28
C ALA A 263 15.03 -6.58 -6.21
N VAL A 264 14.80 -7.26 -5.07
CA VAL A 264 15.14 -8.68 -4.97
C VAL A 264 14.36 -9.49 -6.00
N ALA A 265 13.04 -9.25 -6.10
CA ALA A 265 12.26 -10.05 -7.05
C ALA A 265 12.73 -9.82 -8.48
N PHE A 266 13.18 -8.60 -8.79
CA PHE A 266 13.66 -8.34 -10.15
C PHE A 266 15.00 -9.04 -10.38
N PHE A 267 15.87 -9.01 -9.36
CA PHE A 267 17.10 -9.81 -9.39
C PHE A 267 16.80 -11.28 -9.69
N GLU A 268 15.85 -11.87 -8.95
CA GLU A 268 15.50 -13.27 -9.18
C GLU A 268 14.99 -13.49 -10.60
N ALA A 269 14.17 -12.58 -11.10
CA ALA A 269 13.60 -12.78 -12.43
C ALA A 269 14.63 -12.56 -13.56
N LEU A 270 15.69 -11.81 -13.29
CA LEU A 270 16.77 -11.61 -14.26
C LEU A 270 17.67 -12.84 -14.37
N GLN A 271 17.57 -13.79 -13.43
CA GLN A 271 18.37 -15.01 -13.52
C GLN A 271 17.78 -15.99 -14.51
N PRO A 272 18.62 -16.76 -15.20
CA PRO A 272 18.09 -17.75 -16.15
C PRO A 272 17.17 -18.77 -15.50
N GLU A 273 17.36 -19.09 -14.22
CA GLU A 273 16.46 -19.98 -13.52
C GLU A 273 15.01 -19.51 -13.61
N PHE A 274 14.79 -18.21 -13.62
CA PHE A 274 13.40 -17.73 -13.67
C PHE A 274 12.74 -18.07 -14.99
N LYS A 275 13.50 -18.08 -16.10
CA LYS A 275 12.88 -18.48 -17.37
C LYS A 275 12.46 -19.94 -17.35
N GLU A 276 13.26 -20.80 -16.71
CA GLU A 276 12.87 -22.21 -16.61
C GLU A 276 11.66 -22.38 -15.70
N TYR A 277 11.64 -21.71 -14.55
CA TYR A 277 10.45 -21.69 -13.70
C TYR A 277 9.22 -21.30 -14.52
N SER A 278 9.33 -20.21 -15.28
CA SER A 278 8.18 -19.71 -16.02
C SER A 278 7.79 -20.66 -17.14
N ARG A 279 8.76 -21.30 -17.79
CA ARG A 279 8.42 -22.31 -18.79
C ARG A 279 7.62 -23.44 -18.15
N LEU A 280 8.03 -23.89 -16.96
CA LEU A 280 7.30 -24.94 -16.28
C LEU A 280 5.90 -24.47 -15.84
N VAL A 281 5.74 -23.22 -15.47
CA VAL A 281 4.40 -22.71 -15.14
C VAL A 281 3.47 -22.91 -16.32
N VAL A 282 3.91 -22.46 -17.50
CA VAL A 282 3.07 -22.53 -18.69
C VAL A 282 2.84 -23.98 -19.08
N GLU A 283 3.88 -24.81 -19.02
CA GLU A 283 3.69 -26.22 -19.38
C GLU A 283 2.76 -26.92 -18.39
N ASN A 284 2.89 -26.62 -17.08
CA ASN A 284 1.98 -27.22 -16.10
C ASN A 284 0.53 -26.82 -16.36
N ALA A 285 0.30 -25.55 -16.70
CA ALA A 285 -1.06 -25.09 -16.92
C ALA A 285 -1.68 -25.77 -18.14
N LYS A 286 -0.93 -25.84 -19.24
CA LYS A 286 -1.44 -26.52 -20.46
C LYS A 286 -1.70 -27.99 -20.17
N ARG A 287 -0.74 -28.63 -19.50
CA ARG A 287 -0.90 -30.06 -19.21
C ARG A 287 -2.05 -30.32 -18.26
N LEU A 288 -2.17 -29.53 -17.19
CA LEU A 288 -3.27 -29.75 -16.24
C LEU A 288 -4.62 -29.53 -16.90
N ALA A 289 -4.73 -28.50 -17.75
CA ALA A 289 -5.95 -28.30 -18.52
C ALA A 289 -6.24 -29.51 -19.39
N GLU A 290 -5.23 -29.99 -20.12
CA GLU A 290 -5.36 -31.19 -20.96
C GLU A 290 -5.81 -32.40 -20.13
N GLU A 291 -5.22 -32.60 -18.95
CA GLU A 291 -5.57 -33.78 -18.16
C GLU A 291 -6.98 -33.71 -17.58
N LEU A 292 -7.45 -32.49 -17.27
CA LEU A 292 -8.83 -32.34 -16.85
C LEU A 292 -9.79 -32.51 -18.03
N ALA A 293 -9.42 -32.02 -19.21
CA ALA A 293 -10.28 -32.29 -20.37
C ALA A 293 -10.41 -33.78 -20.63
N ARG A 294 -9.30 -34.53 -20.49
CA ARG A 294 -9.35 -35.97 -20.71
C ARG A 294 -10.25 -36.67 -19.72
N ARG A 295 -10.45 -36.08 -18.54
N ARG A 295 -10.44 -36.07 -18.55
CA ARG A 295 -11.32 -36.66 -17.53
CA ARG A 295 -11.30 -36.62 -17.52
C ARG A 295 -12.76 -36.15 -17.60
C ARG A 295 -12.75 -36.16 -17.61
N GLY A 296 -13.11 -35.39 -18.63
CA GLY A 296 -14.51 -35.05 -18.85
C GLY A 296 -14.92 -33.63 -18.52
N TYR A 297 -13.99 -32.73 -18.30
CA TYR A 297 -14.35 -31.32 -18.19
C TYR A 297 -14.11 -30.68 -19.53
N ARG A 298 -14.68 -29.49 -19.72
CA ARG A 298 -14.36 -28.69 -20.89
C ARG A 298 -13.52 -27.49 -20.45
N ILE A 299 -12.53 -27.13 -21.26
CA ILE A 299 -11.69 -25.96 -20.96
C ILE A 299 -12.15 -24.79 -21.82
N VAL A 300 -12.46 -23.65 -21.18
CA VAL A 300 -12.88 -22.47 -21.95
C VAL A 300 -11.77 -22.06 -22.91
N THR A 301 -12.15 -21.71 -24.15
CA THR A 301 -11.27 -21.47 -25.30
C THR A 301 -10.48 -22.69 -25.71
N GLY A 302 -10.74 -23.86 -25.12
CA GLY A 302 -10.05 -25.09 -25.50
C GLY A 302 -8.71 -25.28 -24.84
N GLY A 303 -8.25 -24.35 -24.02
CA GLY A 303 -6.89 -24.47 -23.52
C GLY A 303 -6.44 -23.15 -22.93
N THR A 304 -5.13 -22.94 -22.96
CA THR A 304 -4.54 -21.70 -22.44
C THR A 304 -3.21 -21.42 -23.12
N ASP A 305 -2.86 -20.12 -23.20
CA ASP A 305 -1.54 -19.64 -23.60
C ASP A 305 -0.68 -19.24 -22.42
N ASN A 306 -1.23 -19.27 -21.20
CA ASN A 306 -0.48 -18.66 -20.09
C ASN A 306 -0.53 -19.54 -18.85
N HIS A 307 -0.57 -18.92 -17.66
CA HIS A 307 -0.47 -19.63 -16.40
C HIS A 307 -1.82 -20.08 -15.84
N LEU A 308 -2.93 -19.71 -16.48
CA LEU A 308 -4.24 -19.96 -15.90
C LEU A 308 -5.18 -20.55 -16.95
N PHE A 309 -6.22 -21.20 -16.47
CA PHE A 309 -7.25 -21.68 -17.40
C PHE A 309 -8.57 -21.73 -16.66
N LEU A 310 -9.65 -21.76 -17.43
CA LEU A 310 -10.99 -21.79 -16.88
C LEU A 310 -11.64 -23.12 -17.22
N VAL A 311 -12.15 -23.79 -16.21
CA VAL A 311 -12.82 -25.08 -16.35
C VAL A 311 -14.33 -24.85 -16.40
N ASP A 312 -14.95 -25.28 -17.51
CA ASP A 312 -16.39 -25.32 -17.67
C ASP A 312 -16.86 -26.63 -17.04
N LEU A 313 -17.65 -26.52 -15.96
CA LEU A 313 -18.03 -27.67 -15.16
C LEU A 313 -19.33 -28.30 -15.63
N ARG A 314 -19.98 -27.71 -16.62
CA ARG A 314 -21.28 -28.23 -17.04
C ARG A 314 -21.28 -29.68 -17.52
N PRO A 315 -20.23 -30.26 -18.13
CA PRO A 315 -20.31 -31.69 -18.48
C PRO A 315 -20.61 -32.57 -17.30
N LYS A 316 -20.23 -32.15 -16.08
CA LYS A 316 -20.44 -32.98 -14.91
C LYS A 316 -21.50 -32.42 -13.98
N GLY A 317 -22.28 -31.43 -14.44
CA GLY A 317 -23.45 -30.96 -13.74
C GLY A 317 -23.18 -30.21 -12.45
N LEU A 318 -22.00 -29.63 -12.31
CA LEU A 318 -21.64 -28.91 -11.09
C LEU A 318 -21.62 -27.41 -11.35
N THR A 319 -21.88 -26.63 -10.30
CA THR A 319 -21.65 -25.18 -10.35
C THR A 319 -20.23 -24.86 -9.86
N GLY A 320 -19.76 -23.65 -10.19
CA GLY A 320 -18.47 -23.21 -9.68
C GLY A 320 -18.44 -23.15 -8.16
N LYS A 321 -19.54 -22.68 -7.56
CA LYS A 321 -19.62 -22.64 -6.10
C LYS A 321 -19.51 -24.04 -5.50
N GLU A 322 -20.26 -25.02 -6.06
CA GLU A 322 -20.14 -26.38 -5.52
C GLU A 322 -18.72 -26.92 -5.67
N ALA A 323 -18.09 -26.64 -6.81
CA ALA A 323 -16.77 -27.21 -7.04
C ALA A 323 -15.76 -26.61 -6.08
N GLU A 324 -15.83 -25.28 -5.89
CA GLU A 324 -15.00 -24.58 -4.91
C GLU A 324 -15.12 -25.22 -3.54
N GLU A 325 -16.35 -25.48 -3.13
CA GLU A 325 -16.58 -26.03 -1.79
C GLU A 325 -16.03 -27.44 -1.65
N ARG A 326 -16.30 -28.31 -2.63
CA ARG A 326 -15.81 -29.68 -2.56
C ARG A 326 -14.28 -29.72 -2.56
N LEU A 327 -13.67 -28.84 -3.35
CA LEU A 327 -12.21 -28.86 -3.43
C LEU A 327 -11.61 -28.31 -2.16
N ASP A 328 -12.21 -27.25 -1.62
CA ASP A 328 -11.70 -26.71 -0.36
C ASP A 328 -11.73 -27.77 0.73
N ALA A 329 -12.77 -28.60 0.73
CA ALA A 329 -12.93 -29.60 1.78
C ALA A 329 -11.81 -30.62 1.78
N VAL A 330 -11.09 -30.79 0.66
CA VAL A 330 -9.96 -31.72 0.64
C VAL A 330 -8.63 -30.97 0.48
N GLY A 331 -8.62 -29.68 0.79
CA GLY A 331 -7.38 -28.92 0.85
C GLY A 331 -6.88 -28.40 -0.48
N ILE A 332 -7.76 -28.28 -1.48
CA ILE A 332 -7.41 -27.78 -2.82
C ILE A 332 -8.16 -26.48 -3.00
N THR A 333 -7.42 -25.37 -3.15
CA THR A 333 -8.03 -24.03 -3.21
C THR A 333 -8.08 -23.57 -4.67
N VAL A 334 -9.30 -23.40 -5.16
CA VAL A 334 -9.52 -22.79 -6.50
C VAL A 334 -10.55 -21.67 -6.30
N ASN A 335 -10.91 -20.98 -7.38
CA ASN A 335 -12.01 -20.01 -7.20
C ASN A 335 -13.04 -20.14 -8.33
N LYS A 336 -14.30 -20.01 -7.95
CA LYS A 336 -15.37 -20.05 -8.96
C LYS A 336 -15.12 -18.92 -9.95
N ASN A 337 -15.68 -19.18 -11.22
CA ASN A 337 -15.42 -18.17 -12.23
C ASN A 337 -16.47 -18.35 -13.32
N ALA A 338 -17.06 -17.24 -13.72
CA ALA A 338 -18.09 -17.39 -14.74
C ALA A 338 -17.49 -17.89 -16.04
N ILE A 339 -18.23 -18.75 -16.76
CA ILE A 339 -17.82 -19.08 -18.11
C ILE A 339 -18.39 -18.01 -19.03
N PRO A 340 -17.95 -17.88 -20.27
CA PRO A 340 -18.57 -16.89 -21.16
C PRO A 340 -20.07 -17.11 -21.22
N PHE A 341 -20.83 -16.02 -21.08
CA PHE A 341 -22.30 -16.07 -21.18
C PHE A 341 -22.87 -17.14 -20.25
N ASP A 342 -22.32 -17.17 -19.05
CA ASP A 342 -22.67 -18.20 -18.08
C ASP A 342 -24.17 -18.25 -17.84
N PRO A 343 -24.80 -19.43 -17.90
CA PRO A 343 -26.26 -19.52 -17.61
C PRO A 343 -26.58 -19.37 -16.12
N LYS A 344 -25.56 -19.47 -15.20
CA LYS A 344 -25.73 -19.34 -13.76
C LYS A 344 -25.35 -17.93 -13.30
N PRO A 345 -26.01 -17.42 -12.25
CA PRO A 345 -25.69 -16.07 -11.72
C PRO A 345 -24.30 -16.02 -11.12
N PRO A 346 -23.74 -14.81 -10.95
CA PRO A 346 -22.31 -14.70 -10.61
C PRO A 346 -21.95 -15.23 -9.23
N ARG A 347 -22.90 -15.37 -8.31
CA ARG A 347 -22.56 -15.98 -7.04
C ARG A 347 -22.51 -17.49 -7.12
N VAL A 348 -22.89 -18.04 -8.26
CA VAL A 348 -22.97 -19.48 -8.44
C VAL A 348 -21.91 -19.89 -9.49
N THR A 349 -22.11 -19.42 -10.72
CA THR A 349 -21.29 -19.68 -11.91
C THR A 349 -21.29 -21.15 -12.32
N SER A 350 -20.71 -21.42 -13.50
CA SER A 350 -20.56 -22.77 -14.04
C SER A 350 -19.10 -23.17 -14.20
N GLY A 351 -18.16 -22.42 -13.61
CA GLY A 351 -16.75 -22.71 -13.87
C GLY A 351 -15.88 -22.46 -12.66
N ILE A 352 -14.61 -22.85 -12.79
CA ILE A 352 -13.59 -22.46 -11.82
C ILE A 352 -12.36 -21.99 -12.57
N ARG A 353 -11.57 -21.16 -11.91
CA ARG A 353 -10.30 -20.71 -12.47
C ARG A 353 -9.19 -21.43 -11.71
N ILE A 354 -8.23 -21.96 -12.43
CA ILE A 354 -7.05 -22.61 -11.85
C ILE A 354 -5.82 -21.95 -12.44
N GLY A 355 -4.79 -21.76 -11.63
CA GLY A 355 -3.50 -21.33 -12.14
C GLY A 355 -2.41 -22.12 -11.46
N THR A 356 -1.32 -22.31 -12.21
CA THR A 356 -0.18 -23.10 -11.76
C THR A 356 1.01 -22.34 -11.17
N PRO A 357 1.07 -20.98 -11.08
CA PRO A 357 2.32 -20.38 -10.57
C PRO A 357 2.74 -20.89 -9.20
N ALA A 358 1.80 -21.04 -8.28
CA ALA A 358 2.17 -21.37 -6.90
C ALA A 358 2.65 -22.81 -6.79
N ILE A 359 1.93 -23.76 -7.40
CA ILE A 359 2.39 -25.15 -7.27
C ILE A 359 3.69 -25.36 -8.05
N THR A 360 3.89 -24.62 -9.15
CA THR A 360 5.17 -24.73 -9.84
C THR A 360 6.30 -24.21 -8.97
N THR A 361 6.04 -23.15 -8.19
CA THR A 361 7.08 -22.67 -7.27
C THR A 361 7.44 -23.74 -6.25
N ARG A 362 6.48 -24.56 -5.86
CA ARG A 362 6.73 -25.66 -4.93
C ARG A 362 7.31 -26.89 -5.61
N GLY A 363 7.68 -26.80 -6.89
CA GLY A 363 8.33 -27.91 -7.57
C GLY A 363 7.46 -28.93 -8.26
N PHE A 364 6.17 -28.67 -8.43
CA PHE A 364 5.37 -29.58 -9.27
C PHE A 364 5.84 -29.47 -10.71
N THR A 365 5.86 -30.63 -11.43
CA THR A 365 6.33 -30.64 -12.80
C THR A 365 5.25 -31.23 -13.70
N PRO A 366 5.35 -31.12 -15.03
CA PRO A 366 4.21 -31.52 -15.87
C PRO A 366 3.83 -32.98 -15.73
N GLU A 367 4.79 -33.85 -15.43
CA GLU A 367 4.41 -35.28 -15.37
C GLU A 367 3.57 -35.54 -14.11
N GLU A 368 3.51 -34.59 -13.18
CA GLU A 368 2.65 -34.72 -12.00
C GLU A 368 1.23 -34.16 -12.22
N MET A 369 0.98 -33.52 -13.35
CA MET A 369 -0.34 -32.94 -13.57
C MET A 369 -1.43 -34.00 -13.75
N PRO A 370 -1.17 -35.19 -14.34
CA PRO A 370 -2.23 -36.20 -14.37
C PRO A 370 -2.74 -36.54 -12.97
N LEU A 371 -1.82 -36.64 -11.99
CA LEU A 371 -2.25 -36.95 -10.64
C LEU A 371 -3.05 -35.79 -10.03
N VAL A 372 -2.58 -34.56 -10.23
CA VAL A 372 -3.35 -33.42 -9.74
C VAL A 372 -4.74 -33.42 -10.35
N ALA A 373 -4.84 -33.68 -11.65
CA ALA A 373 -6.17 -33.73 -12.29
C ALA A 373 -7.02 -34.83 -11.68
N GLU A 374 -6.41 -35.99 -11.41
CA GLU A 374 -7.16 -37.10 -10.83
C GLU A 374 -7.73 -36.72 -9.46
N LEU A 375 -6.89 -36.09 -8.60
CA LEU A 375 -7.38 -35.68 -7.28
C LEU A 375 -8.47 -34.61 -7.36
N ILE A 376 -8.33 -33.65 -8.29
CA ILE A 376 -9.41 -32.68 -8.47
C ILE A 376 -10.70 -33.39 -8.88
N ASP A 377 -10.60 -34.29 -9.85
CA ASP A 377 -11.79 -34.98 -10.34
C ASP A 377 -12.45 -35.80 -9.22
N ARG A 378 -11.64 -36.51 -8.45
CA ARG A 378 -12.20 -37.35 -7.38
C ARG A 378 -12.94 -36.48 -6.36
N ALA A 379 -12.34 -35.35 -5.97
CA ALA A 379 -13.03 -34.44 -5.06
C ALA A 379 -14.37 -34.01 -5.62
N LEU A 380 -14.41 -33.73 -6.92
CA LEU A 380 -15.65 -33.24 -7.51
C LEU A 380 -16.68 -34.36 -7.63
N LEU A 381 -16.24 -35.56 -7.98
CA LEU A 381 -17.16 -36.68 -8.19
C LEU A 381 -17.59 -37.32 -6.87
N GLU A 382 -16.62 -37.61 -6.01
CA GLU A 382 -16.90 -38.33 -4.77
C GLU A 382 -17.32 -37.42 -3.64
N GLY A 383 -17.05 -36.11 -3.74
CA GLY A 383 -17.18 -35.24 -2.60
C GLY A 383 -16.03 -35.50 -1.62
N PRO A 384 -16.00 -34.77 -0.52
CA PRO A 384 -14.85 -34.89 0.40
C PRO A 384 -14.83 -36.19 1.18
N SER A 385 -13.62 -36.58 1.57
CA SER A 385 -13.38 -37.70 2.45
C SER A 385 -12.11 -37.41 3.22
N GLU A 386 -11.98 -38.00 4.41
CA GLU A 386 -10.72 -37.88 5.15
C GLU A 386 -9.56 -38.46 4.36
N ALA A 387 -9.77 -39.59 3.67
CA ALA A 387 -8.67 -40.20 2.93
C ALA A 387 -8.14 -39.26 1.84
N LEU A 388 -9.04 -38.61 1.11
CA LEU A 388 -8.61 -37.73 0.03
C LEU A 388 -7.95 -36.47 0.58
N ARG A 389 -8.47 -35.93 1.69
CA ARG A 389 -7.80 -34.79 2.31
C ARG A 389 -6.38 -35.17 2.71
N GLU A 390 -6.17 -36.38 3.22
CA GLU A 390 -4.83 -36.73 3.67
C GLU A 390 -3.91 -37.04 2.49
N GLU A 391 -4.43 -37.63 1.40
CA GLU A 391 -3.59 -37.80 0.21
C GLU A 391 -3.12 -36.44 -0.32
N VAL A 392 -4.02 -35.47 -0.38
CA VAL A 392 -3.63 -34.11 -0.78
C VAL A 392 -2.60 -33.54 0.18
N ARG A 393 -2.82 -33.72 1.49
CA ARG A 393 -1.86 -33.19 2.46
C ARG A 393 -0.48 -33.80 2.27
N ARG A 394 -0.39 -35.11 2.08
CA ARG A 394 0.92 -35.72 1.87
C ARG A 394 1.56 -35.20 0.59
N LEU A 395 0.76 -35.06 -0.48
CA LEU A 395 1.33 -34.57 -1.73
C LEU A 395 1.86 -33.15 -1.57
N ALA A 396 1.07 -32.28 -0.93
CA ALA A 396 1.52 -30.91 -0.70
C ALA A 396 2.82 -30.90 0.11
N LEU A 397 2.83 -31.66 1.20
CA LEU A 397 4.02 -31.67 2.05
C LEU A 397 5.25 -32.18 1.32
N ALA A 398 5.08 -33.12 0.39
CA ALA A 398 6.21 -33.62 -0.39
C ALA A 398 6.77 -32.59 -1.37
N HIS A 399 6.12 -31.44 -1.53
CA HIS A 399 6.58 -30.40 -2.43
C HIS A 399 6.91 -29.16 -1.62
N PRO A 400 8.12 -29.08 -1.09
CA PRO A 400 8.45 -28.04 -0.09
C PRO A 400 8.26 -26.63 -0.61
N MET A 401 7.93 -25.77 0.34
CA MET A 401 7.67 -24.36 0.07
C MET A 401 8.98 -23.59 0.20
N PRO A 402 9.13 -22.50 -0.55
CA PRO A 402 10.31 -21.63 -0.36
C PRO A 402 10.29 -20.96 1.03
N LYS B 1 20.74 -18.22 -5.66
CA LYS B 1 21.67 -17.10 -5.55
C LYS B 1 21.08 -16.04 -4.64
N ARG B 2 21.92 -15.49 -3.77
CA ARG B 2 21.48 -14.40 -2.90
C ARG B 2 21.76 -13.06 -3.58
N ASP B 3 20.81 -12.12 -3.45
CA ASP B 3 20.95 -10.77 -4.01
C ASP B 3 21.90 -9.95 -3.13
N GLU B 4 23.20 -10.25 -3.24
CA GLU B 4 24.17 -9.64 -2.33
C GLU B 4 24.19 -8.12 -2.44
N ALA B 5 24.06 -7.58 -3.65
CA ALA B 5 24.12 -6.13 -3.78
C ALA B 5 23.00 -5.46 -3.00
N LEU B 6 21.79 -6.00 -3.12
CA LEU B 6 20.67 -5.38 -2.40
C LEU B 6 20.88 -5.51 -0.89
N PHE B 7 21.30 -6.68 -0.43
CA PHE B 7 21.46 -6.83 1.02
C PHE B 7 22.63 -6.02 1.55
N GLU B 8 23.62 -5.72 0.72
CA GLU B 8 24.66 -4.78 1.16
C GLU B 8 24.08 -3.39 1.38
N LEU B 9 23.14 -2.97 0.51
CA LEU B 9 22.49 -1.69 0.73
C LEU B 9 21.66 -1.71 2.01
N ILE B 10 20.96 -2.81 2.29
CA ILE B 10 20.21 -2.86 3.53
C ILE B 10 21.17 -2.73 4.74
N ALA B 11 22.34 -3.37 4.67
CA ALA B 11 23.29 -3.27 5.78
C ALA B 11 23.79 -1.84 5.94
N LEU B 12 24.00 -1.13 4.83
CA LEU B 12 24.41 0.28 4.90
C LEU B 12 23.31 1.13 5.52
N GLU B 13 22.04 0.84 5.19
CA GLU B 13 20.96 1.55 5.86
C GLU B 13 20.85 1.20 7.34
N GLU B 14 21.04 -0.07 7.71
CA GLU B 14 21.10 -0.40 9.14
C GLU B 14 22.19 0.40 9.85
N LYS B 15 23.36 0.51 9.23
CA LYS B 15 24.46 1.28 9.81
C LYS B 15 24.10 2.76 9.88
N ARG B 16 23.51 3.31 8.82
CA ARG B 16 23.08 4.71 8.89
C ARG B 16 22.13 4.93 10.06
N GLN B 17 21.16 4.01 10.24
CA GLN B 17 20.19 4.20 11.32
C GLN B 17 20.84 4.10 12.70
N ARG B 18 21.93 3.34 12.83
CA ARG B 18 22.65 3.23 14.11
C ARG B 18 23.51 4.46 14.43
N GLU B 19 23.98 5.18 13.41
CA GLU B 19 25.10 6.11 13.60
C GLU B 19 24.72 7.57 13.46
N GLY B 20 23.43 7.89 13.41
CA GLY B 20 22.99 9.28 13.36
C GLY B 20 21.84 9.51 14.31
N LEU B 21 21.40 10.75 14.35
CA LEU B 21 20.27 11.18 15.18
C LEU B 21 19.08 11.41 14.24
N GLU B 22 18.10 10.51 14.27
CA GLU B 22 16.93 10.58 13.37
C GLU B 22 15.88 11.43 14.07
N LEU B 23 15.78 12.70 13.69
CA LEU B 23 14.87 13.64 14.33
C LEU B 23 13.66 13.98 13.47
N ILE B 24 13.40 13.16 12.44
CA ILE B 24 12.19 13.40 11.63
C ILE B 24 10.97 13.04 12.47
N ALA B 25 10.03 13.99 12.63
CA ALA B 25 8.96 13.79 13.61
C ALA B 25 7.98 12.68 13.23
N SER B 26 7.90 12.35 11.95
CA SER B 26 6.99 11.31 11.48
C SER B 26 7.63 9.92 11.45
N GLU B 27 8.86 9.77 11.94
CA GLU B 27 9.52 8.48 11.90
C GLU B 27 9.61 7.85 13.30
N ASN B 28 9.96 6.57 13.30
CA ASN B 28 10.16 5.81 14.53
C ASN B 28 11.03 4.61 14.17
N PHE B 29 11.20 3.68 15.12
CA PHE B 29 11.92 2.42 14.89
C PHE B 29 11.00 1.29 15.32
N VAL B 30 10.62 0.41 14.38
CA VAL B 30 9.76 -0.72 14.76
C VAL B 30 10.58 -1.79 15.48
N SER B 31 9.89 -2.57 16.30
CA SER B 31 10.51 -3.64 17.05
C SER B 31 10.87 -4.80 16.13
N LYS B 32 11.69 -5.72 16.65
CA LYS B 32 12.01 -6.91 15.85
C LYS B 32 10.78 -7.74 15.55
N GLN B 33 9.84 -7.82 16.49
CA GLN B 33 8.66 -8.65 16.22
C GLN B 33 7.69 -8.00 15.25
N VAL B 34 7.62 -6.66 15.21
CA VAL B 34 6.85 -6.02 14.13
C VAL B 34 7.49 -6.38 12.78
N ARG B 35 8.82 -6.34 12.71
CA ARG B 35 9.53 -6.72 11.48
C ARG B 35 9.26 -8.18 11.12
N GLU B 36 9.26 -9.05 12.12
CA GLU B 36 9.05 -10.48 11.86
C GLU B 36 7.67 -10.73 11.26
N ALA B 37 6.64 -10.04 11.76
CA ALA B 37 5.29 -10.22 11.22
C ALA B 37 5.22 -9.70 9.78
N VAL B 38 5.82 -8.54 9.52
CA VAL B 38 5.76 -7.96 8.17
C VAL B 38 6.57 -8.80 7.18
N GLY B 39 7.64 -9.43 7.65
CA GLY B 39 8.37 -10.37 6.82
C GLY B 39 7.78 -11.78 6.74
N SER B 40 6.53 -11.99 7.14
CA SER B 40 5.97 -13.34 7.24
C SER B 40 5.42 -13.82 5.90
N VAL B 41 5.05 -15.11 5.84
CA VAL B 41 4.45 -15.71 4.64
C VAL B 41 3.03 -15.22 4.41
N LEU B 42 2.49 -14.39 5.31
CA LEU B 42 1.12 -13.91 5.08
C LEU B 42 0.99 -13.07 3.82
N THR B 43 2.11 -12.55 3.29
CA THR B 43 2.07 -11.86 2.00
C THR B 43 1.55 -12.75 0.87
N ASN B 44 1.67 -14.08 1.03
CA ASN B 44 1.39 -14.98 -0.08
C ASN B 44 -0.10 -15.12 -0.36
N LYS B 45 -1.00 -14.67 0.53
CA LYS B 45 -2.40 -15.04 0.42
C LYS B 45 -3.26 -13.84 0.01
N TYR B 46 -4.03 -14.03 -1.04
CA TYR B 46 -4.98 -12.99 -1.47
C TYR B 46 -6.19 -13.06 -0.56
N ALA B 47 -6.52 -11.94 0.04
CA ALA B 47 -7.60 -11.94 1.03
C ALA B 47 -8.57 -10.79 0.78
N GLU B 48 -8.95 -10.58 -0.49
CA GLU B 48 -9.93 -9.54 -0.80
C GLU B 48 -11.23 -9.79 -0.06
N GLY B 49 -11.86 -8.71 0.43
CA GLY B 49 -13.06 -8.81 1.23
C GLY B 49 -12.72 -8.51 2.67
N TYR B 50 -13.49 -9.03 3.65
CA TYR B 50 -13.26 -8.80 5.07
C TYR B 50 -13.36 -10.12 5.80
N PRO B 51 -12.93 -10.18 7.05
CA PRO B 51 -13.00 -11.45 7.78
C PRO B 51 -14.41 -12.06 7.75
N GLY B 52 -14.48 -13.37 7.45
CA GLY B 52 -15.77 -14.07 7.34
C GLY B 52 -16.58 -13.68 6.13
N ALA B 53 -16.03 -12.84 5.26
CA ALA B 53 -16.70 -12.38 4.04
C ALA B 53 -15.66 -12.16 2.93
N ARG B 54 -14.87 -13.20 2.63
CA ARG B 54 -13.81 -13.12 1.64
C ARG B 54 -14.31 -13.59 0.27
N TYR B 55 -13.69 -13.07 -0.78
CA TYR B 55 -13.90 -13.62 -2.11
C TYR B 55 -13.52 -15.12 -2.16
N TYR B 56 -12.37 -15.48 -1.58
CA TYR B 56 -11.75 -16.78 -1.80
C TYR B 56 -11.65 -17.59 -0.51
N GLY B 57 -11.54 -18.92 -0.69
CA GLY B 57 -11.32 -19.82 0.42
C GLY B 57 -9.89 -19.71 0.92
N GLY B 58 -9.64 -20.41 2.02
CA GLY B 58 -8.30 -20.52 2.57
C GLY B 58 -7.87 -19.41 3.49
N CYS B 59 -8.79 -18.48 3.84
CA CYS B 59 -8.46 -17.37 4.72
C CYS B 59 -8.86 -17.64 6.17
N GLU B 60 -9.07 -18.90 6.55
CA GLU B 60 -9.55 -19.14 7.91
C GLU B 60 -8.55 -18.61 8.96
N VAL B 61 -7.25 -18.71 8.70
CA VAL B 61 -6.28 -18.16 9.66
C VAL B 61 -6.08 -16.65 9.45
N ILE B 62 -5.96 -16.21 8.19
CA ILE B 62 -5.88 -14.77 7.89
C ILE B 62 -6.99 -14.00 8.59
N ASP B 63 -8.23 -14.55 8.59
CA ASP B 63 -9.35 -13.84 9.19
C ASP B 63 -9.11 -13.62 10.68
N ARG B 64 -8.55 -14.61 11.37
N ARG B 64 -8.54 -14.61 11.37
CA ARG B 64 -8.24 -14.42 12.79
CA ARG B 64 -8.24 -14.40 12.78
C ARG B 64 -7.15 -13.37 12.98
C ARG B 64 -7.15 -13.35 12.98
N VAL B 65 -6.20 -13.26 12.06
CA VAL B 65 -5.15 -12.24 12.17
C VAL B 65 -5.75 -10.85 11.99
N GLU B 66 -6.50 -10.67 10.90
CA GLU B 66 -7.08 -9.35 10.63
C GLU B 66 -8.06 -8.98 11.74
N SER B 67 -8.89 -9.93 12.17
CA SER B 67 -9.84 -9.64 13.26
C SER B 67 -9.07 -9.25 14.54
N LEU B 68 -7.94 -9.90 14.79
CA LEU B 68 -7.20 -9.54 16.00
C LEU B 68 -6.73 -8.09 15.91
N ALA B 69 -6.23 -7.68 14.75
CA ALA B 69 -5.83 -6.29 14.57
C ALA B 69 -7.02 -5.36 14.76
N ILE B 70 -8.16 -5.70 14.17
CA ILE B 70 -9.36 -4.86 14.28
C ILE B 70 -9.76 -4.71 15.74
N GLU B 71 -9.89 -5.81 16.46
CA GLU B 71 -10.35 -5.73 17.84
C GLU B 71 -9.35 -5.03 18.76
N ARG B 72 -8.04 -5.20 18.51
CA ARG B 72 -7.06 -4.48 19.31
C ARG B 72 -7.07 -2.99 19.01
N ALA B 73 -7.27 -2.62 17.74
CA ALA B 73 -7.42 -1.19 17.42
C ALA B 73 -8.63 -0.60 18.12
N LYS B 74 -9.76 -1.34 18.11
CA LYS B 74 -10.96 -0.85 18.81
C LYS B 74 -10.67 -0.66 20.30
N ALA B 75 -10.02 -1.64 20.92
CA ALA B 75 -9.75 -1.58 22.36
C ALA B 75 -8.75 -0.47 22.69
N LEU B 76 -7.73 -0.29 21.83
CA LEU B 76 -6.73 0.73 22.08
C LEU B 76 -7.33 2.14 22.07
N PHE B 77 -8.25 2.40 21.15
CA PHE B 77 -8.76 3.76 20.95
C PHE B 77 -10.17 3.96 21.45
N GLY B 78 -10.82 2.90 21.95
CA GLY B 78 -12.21 3.00 22.37
C GLY B 78 -13.13 3.22 21.19
N ALA B 79 -12.88 2.54 20.07
CA ALA B 79 -13.70 2.67 18.87
C ALA B 79 -14.65 1.50 18.75
N ALA B 80 -15.80 1.76 18.09
CA ALA B 80 -16.78 0.72 17.85
C ALA B 80 -16.51 -0.08 16.57
N TRP B 81 -15.66 0.43 15.67
CA TRP B 81 -15.40 -0.18 14.39
C TRP B 81 -14.00 0.24 13.98
N ALA B 82 -13.29 -0.64 13.27
CA ALA B 82 -11.98 -0.26 12.72
C ALA B 82 -11.82 -0.96 11.38
N ASN B 83 -11.08 -0.31 10.47
CA ASN B 83 -10.65 -0.94 9.21
C ASN B 83 -9.13 -0.91 9.21
N VAL B 84 -8.49 -2.09 9.15
CA VAL B 84 -7.03 -2.15 9.25
C VAL B 84 -6.39 -2.41 7.90
N GLN B 85 -7.18 -2.42 6.81
CA GLN B 85 -6.62 -2.64 5.48
C GLN B 85 -5.97 -1.47 4.77
N PRO B 86 -6.16 -0.18 5.13
CA PRO B 86 -5.56 0.88 4.29
C PRO B 86 -4.06 0.71 4.15
N HIS B 87 -3.58 0.81 2.89
CA HIS B 87 -2.15 0.62 2.63
C HIS B 87 -1.28 1.72 3.23
N SER B 88 -1.87 2.88 3.54
CA SER B 88 -1.12 4.06 3.93
C SER B 88 -2.12 5.04 4.55
N GLY B 89 -1.59 6.07 5.19
CA GLY B 89 -2.45 7.15 5.66
C GLY B 89 -3.16 7.82 4.52
N SER B 90 -2.51 7.91 3.37
CA SER B 90 -3.14 8.55 2.22
C SER B 90 -4.37 7.75 1.74
N GLN B 91 -4.24 6.43 1.68
CA GLN B 91 -5.38 5.59 1.29
C GLN B 91 -6.49 5.60 2.35
N ALA B 92 -6.13 5.66 3.63
CA ALA B 92 -7.18 5.79 4.66
C ALA B 92 -7.99 7.07 4.46
N ASN B 93 -7.31 8.20 4.18
CA ASN B 93 -8.04 9.44 3.96
C ASN B 93 -8.82 9.41 2.65
N MET B 94 -8.22 8.87 1.59
CA MET B 94 -8.93 8.79 0.30
C MET B 94 -10.25 8.02 0.44
N ALA B 95 -10.22 6.86 1.10
CA ALA B 95 -11.44 6.06 1.21
C ALA B 95 -12.52 6.79 2.00
N VAL B 96 -12.11 7.45 3.09
CA VAL B 96 -13.08 8.19 3.90
C VAL B 96 -13.71 9.33 3.08
N TYR B 97 -12.89 10.10 2.37
CA TYR B 97 -13.47 11.19 1.58
C TYR B 97 -14.44 10.65 0.55
N MET B 98 -14.09 9.54 -0.12
CA MET B 98 -14.98 9.01 -1.15
C MET B 98 -16.23 8.40 -0.55
N ALA B 99 -16.17 7.93 0.71
CA ALA B 99 -17.36 7.42 1.37
C ALA B 99 -18.30 8.55 1.76
N LEU B 100 -17.76 9.71 2.10
CA LEU B 100 -18.59 10.79 2.63
C LEU B 100 -18.93 11.86 1.62
N MET B 101 -18.23 11.91 0.49
CA MET B 101 -18.36 13.02 -0.46
C MET B 101 -18.40 12.49 -1.88
N GLU B 102 -18.96 13.35 -2.79
CA GLU B 102 -18.85 13.18 -4.22
C GLU B 102 -17.85 14.20 -4.77
N PRO B 103 -17.19 13.92 -5.89
CA PRO B 103 -16.27 14.92 -6.43
C PRO B 103 -17.01 16.23 -6.68
N GLY B 104 -16.35 17.32 -6.30
CA GLY B 104 -16.97 18.64 -6.31
C GLY B 104 -17.57 19.11 -4.99
N ASP B 105 -17.79 18.23 -4.01
CA ASP B 105 -18.20 18.72 -2.70
C ASP B 105 -17.09 19.54 -2.05
N THR B 106 -17.46 20.33 -1.04
CA THR B 106 -16.49 21.16 -0.34
C THR B 106 -15.85 20.43 0.84
N LEU B 107 -14.53 20.47 0.86
CA LEU B 107 -13.69 19.88 1.90
C LEU B 107 -12.98 21.01 2.61
N MET B 108 -13.04 21.03 3.95
CA MET B 108 -12.39 22.05 4.76
C MET B 108 -11.29 21.37 5.56
N GLY B 109 -10.06 21.90 5.47
CA GLY B 109 -8.97 21.32 6.24
C GLY B 109 -7.95 22.38 6.62
N MET B 110 -6.91 21.98 7.31
CA MET B 110 -5.93 22.96 7.71
C MET B 110 -4.99 23.30 6.57
N ASP B 111 -4.72 24.60 6.40
CA ASP B 111 -3.76 25.09 5.42
C ASP B 111 -2.41 24.36 5.55
N LEU B 112 -1.79 24.05 4.40
CA LEU B 112 -0.54 23.26 4.44
C LEU B 112 0.55 23.98 5.24
N ALA B 113 0.83 25.25 4.92
CA ALA B 113 1.87 25.99 5.65
C ALA B 113 1.58 26.07 7.14
N ALA B 114 0.30 26.21 7.47
CA ALA B 114 -0.10 26.28 8.87
C ALA B 114 0.09 24.95 9.60
N GLY B 115 0.27 23.84 8.87
CA GLY B 115 0.46 22.55 9.51
C GLY B 115 -0.32 21.40 8.88
N GLY B 116 -1.26 21.72 7.99
CA GLY B 116 -2.11 20.66 7.44
C GLY B 116 -1.32 19.74 6.53
N HIS B 117 -1.84 18.51 6.38
CA HIS B 117 -1.22 17.52 5.48
C HIS B 117 -1.67 17.73 4.04
N LEU B 118 -0.82 17.25 3.10
CA LEU B 118 -1.18 17.26 1.67
C LEU B 118 -2.58 16.73 1.43
N THR B 119 -2.98 15.67 2.13
CA THR B 119 -4.29 15.05 1.88
C THR B 119 -5.42 15.79 2.56
N HIS B 120 -5.12 16.93 3.17
CA HIS B 120 -6.14 17.80 3.75
C HIS B 120 -6.56 18.90 2.79
N GLY B 121 -6.20 18.79 1.51
CA GLY B 121 -6.77 19.67 0.52
C GLY B 121 -5.80 20.33 -0.45
N SER B 122 -4.54 19.88 -0.48
N SER B 122 -4.56 19.86 -0.50
CA SER B 122 -3.58 20.44 -1.43
CA SER B 122 -3.60 20.48 -1.42
C SER B 122 -4.05 20.27 -2.86
C SER B 122 -4.00 20.25 -2.87
N ARG B 123 -3.82 21.31 -3.69
CA ARG B 123 -4.22 21.24 -5.09
C ARG B 123 -3.45 20.22 -5.91
N VAL B 124 -2.23 19.84 -5.50
CA VAL B 124 -1.45 18.82 -6.23
C VAL B 124 -1.75 17.42 -5.70
N ASN B 125 -2.69 17.30 -4.79
CA ASN B 125 -3.09 16.02 -4.18
C ASN B 125 -4.50 15.65 -4.62
N PHE B 126 -4.87 14.35 -4.53
CA PHE B 126 -6.25 14.00 -4.87
C PHE B 126 -7.26 14.84 -4.07
N SER B 127 -6.91 15.21 -2.83
CA SER B 127 -7.88 15.93 -2.00
C SER B 127 -8.26 17.27 -2.62
N GLY B 128 -7.28 18.03 -3.14
CA GLY B 128 -7.66 19.28 -3.77
C GLY B 128 -8.03 19.16 -5.23
N LYS B 129 -7.83 17.98 -5.84
CA LYS B 129 -8.26 17.81 -7.25
C LYS B 129 -9.71 17.34 -7.32
N LEU B 130 -10.11 16.48 -6.39
CA LEU B 130 -11.46 15.92 -6.49
C LEU B 130 -12.49 16.82 -5.80
N TYR B 131 -12.08 17.60 -4.81
CA TYR B 131 -13.00 18.34 -3.94
C TYR B 131 -12.64 19.82 -4.00
N LYS B 132 -13.63 20.66 -3.71
CA LYS B 132 -13.44 22.11 -3.59
C LYS B 132 -12.95 22.39 -2.18
N VAL B 133 -11.78 23.00 -2.04
CA VAL B 133 -11.12 23.07 -0.74
C VAL B 133 -11.22 24.47 -0.16
N VAL B 134 -11.49 24.55 1.14
CA VAL B 134 -11.30 25.77 1.90
CA VAL B 134 -11.34 25.76 1.93
C VAL B 134 -10.43 25.41 3.10
N SER B 135 -9.55 26.33 3.49
CA SER B 135 -8.56 26.01 4.51
C SER B 135 -8.59 26.98 5.66
N TYR B 136 -8.38 26.46 6.88
CA TYR B 136 -8.18 27.32 8.04
C TYR B 136 -6.70 27.29 8.42
N GLY B 137 -6.25 28.38 9.04
CA GLY B 137 -4.86 28.51 9.40
C GLY B 137 -4.67 28.68 10.90
N VAL B 138 -3.62 29.41 11.27
CA VAL B 138 -3.38 29.76 12.67
C VAL B 138 -3.24 31.28 12.73
N ARG B 139 -3.32 31.81 13.93
CA ARG B 139 -3.22 33.26 14.10
C ARG B 139 -1.78 33.71 13.87
N PRO B 140 -1.57 34.88 13.24
CA PRO B 140 -0.19 35.35 13.04
C PRO B 140 0.52 35.69 14.34
N ASP B 141 -0.20 35.98 15.42
CA ASP B 141 0.53 36.38 16.61
C ASP B 141 0.95 35.19 17.47
N THR B 142 0.01 34.31 17.83
CA THR B 142 0.26 33.17 18.70
C THR B 142 0.60 31.90 17.95
N GLU B 143 0.34 31.88 16.64
CA GLU B 143 0.48 30.70 15.79
C GLU B 143 -0.41 29.55 16.25
N LEU B 144 -1.50 29.85 16.95
CA LEU B 144 -2.46 28.86 17.39
C LEU B 144 -3.70 28.91 16.51
N ILE B 145 -4.39 27.77 16.41
CA ILE B 145 -5.72 27.75 15.79
C ILE B 145 -6.67 28.64 16.56
N ASP B 146 -7.47 29.45 15.85
CA ASP B 146 -8.51 30.28 16.46
C ASP B 146 -9.84 29.62 16.13
N LEU B 147 -10.51 29.03 17.14
CA LEU B 147 -11.71 28.25 16.82
C LEU B 147 -12.83 29.13 16.28
N GLU B 148 -12.80 30.41 16.63
CA GLU B 148 -13.80 31.34 16.10
C GLU B 148 -13.58 31.61 14.62
N GLU B 149 -12.34 31.63 14.19
CA GLU B 149 -12.11 31.77 12.73
C GLU B 149 -12.53 30.45 12.04
N VAL B 150 -12.19 29.32 12.66
CA VAL B 150 -12.63 28.06 12.06
C VAL B 150 -14.14 28.05 11.91
N ARG B 151 -14.84 28.50 12.95
CA ARG B 151 -16.29 28.50 12.90
C ARG B 151 -16.80 29.42 11.79
N ARG B 152 -16.23 30.62 11.65
CA ARG B 152 -16.69 31.52 10.58
C ARG B 152 -16.46 30.91 9.21
N LEU B 153 -15.29 30.30 9.00
CA LEU B 153 -15.02 29.68 7.72
C LEU B 153 -16.02 28.60 7.40
N ALA B 154 -16.37 27.76 8.39
CA ALA B 154 -17.33 26.69 8.14
C ALA B 154 -18.69 27.27 7.80
N LEU B 155 -19.13 28.29 8.53
CA LEU B 155 -20.46 28.84 8.26
C LEU B 155 -20.49 29.49 6.87
N GLU B 156 -19.40 30.13 6.47
CA GLU B 156 -19.37 30.80 5.18
C GLU B 156 -19.37 29.81 4.02
N HIS B 157 -18.61 28.72 4.14
CA HIS B 157 -18.38 27.82 3.02
C HIS B 157 -19.16 26.52 3.07
N ARG B 158 -19.80 26.20 4.19
CA ARG B 158 -20.63 25.01 4.35
C ARG B 158 -19.97 23.74 3.80
N PRO B 159 -18.81 23.35 4.35
CA PRO B 159 -18.16 22.11 3.90
C PRO B 159 -19.02 20.89 4.21
N LYS B 160 -18.87 19.87 3.37
CA LYS B 160 -19.45 18.56 3.65
C LYS B 160 -18.62 17.80 4.67
N VAL B 161 -17.31 18.06 4.67
CA VAL B 161 -16.34 17.38 5.55
C VAL B 161 -15.38 18.44 6.08
N ILE B 162 -15.16 18.44 7.41
CA ILE B 162 -14.13 19.25 8.04
C ILE B 162 -13.09 18.27 8.60
N VAL B 163 -11.82 18.53 8.29
CA VAL B 163 -10.72 17.70 8.79
C VAL B 163 -9.99 18.47 9.89
N ALA B 164 -9.81 17.83 11.03
CA ALA B 164 -8.95 18.27 12.11
C ALA B 164 -7.78 17.30 12.23
N GLY B 165 -6.67 17.79 12.76
CA GLY B 165 -5.45 17.02 12.71
C GLY B 165 -4.50 17.60 11.68
N ALA B 166 -3.23 17.21 11.76
CA ALA B 166 -2.24 17.92 10.96
C ALA B 166 -0.92 17.14 10.95
N SER B 167 -0.02 17.57 10.07
CA SER B 167 1.35 17.04 9.99
C SER B 167 2.37 17.83 10.80
N ALA B 168 2.10 19.11 11.12
CA ALA B 168 3.12 19.90 11.79
C ALA B 168 2.48 20.95 12.69
N TYR B 169 1.43 20.56 13.42
CA TYR B 169 0.86 21.49 14.40
C TYR B 169 1.27 21.05 15.78
N PRO B 170 2.01 21.87 16.52
CA PRO B 170 2.61 21.43 17.80
C PRO B 170 1.73 21.55 19.03
N ARG B 171 0.41 21.80 18.91
CA ARG B 171 -0.40 21.98 20.10
C ARG B 171 -1.62 21.06 20.06
N PHE B 172 -2.26 20.94 21.23
CA PHE B 172 -3.48 20.15 21.36
C PHE B 172 -4.62 20.68 20.48
N TRP B 173 -5.54 19.77 20.18
CA TRP B 173 -6.74 20.00 19.38
C TRP B 173 -7.96 19.99 20.28
N ASP B 174 -8.91 20.89 20.04
CA ASP B 174 -10.18 20.88 20.74
C ASP B 174 -11.19 20.15 19.86
N PHE B 175 -11.25 18.82 20.01
CA PHE B 175 -12.12 18.02 19.16
C PHE B 175 -13.58 18.27 19.47
N LYS B 176 -13.91 18.53 20.75
CA LYS B 176 -15.29 18.87 21.06
C LYS B 176 -15.74 20.13 20.30
N ALA B 177 -14.91 21.16 20.27
CA ALA B 177 -15.27 22.38 19.56
C ALA B 177 -15.37 22.14 18.07
N PHE B 178 -14.42 21.38 17.50
CA PHE B 178 -14.51 21.06 16.07
C PHE B 178 -15.80 20.33 15.74
N ARG B 179 -16.23 19.40 16.62
CA ARG B 179 -17.47 18.70 16.34
C ARG B 179 -18.67 19.66 16.43
N GLU B 180 -18.64 20.58 17.39
CA GLU B 180 -19.74 21.54 17.45
C GLU B 180 -19.82 22.38 16.18
N ILE B 181 -18.66 22.79 15.66
CA ILE B 181 -18.61 23.57 14.42
C ILE B 181 -19.13 22.73 13.26
N ALA B 182 -18.67 21.48 13.15
CA ALA B 182 -19.19 20.61 12.12
C ALA B 182 -20.71 20.46 12.21
N ASP B 183 -21.23 20.29 13.42
CA ASP B 183 -22.68 20.15 13.60
C ASP B 183 -23.42 21.42 13.16
N GLU B 184 -22.80 22.59 13.33
CA GLU B 184 -23.45 23.84 12.95
C GLU B 184 -23.71 23.93 11.45
N VAL B 185 -22.96 23.21 10.63
CA VAL B 185 -23.15 23.24 9.20
C VAL B 185 -23.51 21.86 8.64
N GLY B 186 -23.74 20.88 9.50
CA GLY B 186 -24.10 19.54 9.02
C GLY B 186 -22.95 18.82 8.34
N ALA B 187 -21.71 19.19 8.70
CA ALA B 187 -20.53 18.53 8.15
C ALA B 187 -20.20 17.28 8.96
N TYR B 188 -19.50 16.38 8.30
CA TYR B 188 -18.88 15.27 9.04
C TYR B 188 -17.55 15.80 9.55
N LEU B 189 -17.21 15.49 10.79
CA LEU B 189 -15.87 15.78 11.32
C LEU B 189 -15.00 14.54 11.13
N VAL B 190 -13.90 14.70 10.39
CA VAL B 190 -12.90 13.64 10.21
C VAL B 190 -11.68 14.10 10.98
N VAL B 191 -11.18 13.30 11.93
CA VAL B 191 -9.92 13.64 12.60
C VAL B 191 -8.82 12.74 12.03
N ASP B 192 -7.77 13.33 11.49
CA ASP B 192 -6.59 12.60 11.04
C ASP B 192 -5.60 12.67 12.19
N MET B 193 -5.56 11.62 12.98
CA MET B 193 -4.67 11.61 14.14
C MET B 193 -3.31 10.96 13.86
N ALA B 194 -2.95 10.79 12.58
CA ALA B 194 -1.74 10.03 12.23
C ALA B 194 -0.52 10.39 13.10
N HIS B 195 -0.26 11.69 13.27
CA HIS B 195 0.95 12.09 13.99
C HIS B 195 0.86 11.75 15.47
N PHE B 196 -0.29 11.96 16.11
CA PHE B 196 -0.36 11.85 17.57
C PHE B 196 -1.12 10.60 18.00
N ALA B 197 -1.29 9.62 17.11
CA ALA B 197 -2.09 8.44 17.44
C ALA B 197 -1.53 7.70 18.66
N GLY B 198 -0.19 7.52 18.72
CA GLY B 198 0.39 6.87 19.89
C GLY B 198 0.15 7.62 21.18
N LEU B 199 0.17 8.96 21.11
CA LEU B 199 -0.07 9.78 22.29
C LEU B 199 -1.52 9.69 22.75
N VAL B 200 -2.45 9.62 21.79
CA VAL B 200 -3.84 9.33 22.12
C VAL B 200 -3.95 8.00 22.85
N ALA B 201 -3.30 6.96 22.32
CA ALA B 201 -3.43 5.62 22.88
C ALA B 201 -2.88 5.57 24.29
N ALA B 202 -1.86 6.38 24.57
CA ALA B 202 -1.23 6.44 25.88
C ALA B 202 -1.94 7.37 26.86
N GLY B 203 -3.04 8.00 26.45
CA GLY B 203 -3.75 8.94 27.30
C GLY B 203 -3.07 10.28 27.48
N LEU B 204 -2.19 10.66 26.55
CA LEU B 204 -1.39 11.88 26.68
C LEU B 204 -1.74 12.90 25.61
N HIS B 205 -2.87 12.72 24.93
CA HIS B 205 -3.37 13.69 23.96
C HIS B 205 -4.87 13.49 23.98
N PRO B 206 -5.68 14.54 23.89
CA PRO B 206 -7.14 14.37 23.79
C PRO B 206 -7.52 13.32 22.75
N ASN B 207 -8.52 12.46 23.11
CA ASN B 207 -8.92 11.38 22.20
C ASN B 207 -10.01 11.90 21.27
N PRO B 208 -9.84 11.80 19.95
CA PRO B 208 -10.90 12.27 19.04
C PRO B 208 -12.08 11.33 18.89
N LEU B 209 -12.00 10.06 19.32
CA LEU B 209 -13.03 9.09 18.94
C LEU B 209 -14.44 9.50 19.33
N PRO B 210 -14.71 10.06 20.53
CA PRO B 210 -16.10 10.43 20.86
C PRO B 210 -16.65 11.55 19.99
N TYR B 211 -15.79 12.42 19.45
CA TYR B 211 -16.23 13.67 18.82
C TYR B 211 -16.16 13.62 17.31
N ALA B 212 -15.16 12.95 16.72
CA ALA B 212 -15.13 12.80 15.27
C ALA B 212 -16.21 11.83 14.80
N HIS B 213 -16.72 12.05 13.58
CA HIS B 213 -17.53 11.02 12.95
C HIS B 213 -16.66 9.84 12.52
N VAL B 214 -15.43 10.14 12.07
CA VAL B 214 -14.49 9.15 11.54
C VAL B 214 -13.10 9.63 11.91
N VAL B 215 -12.22 8.68 12.27
CA VAL B 215 -10.84 8.98 12.61
C VAL B 215 -9.96 8.19 11.65
N THR B 216 -9.00 8.87 11.04
CA THR B 216 -7.99 8.20 10.22
C THR B 216 -6.62 8.28 10.89
N SER B 217 -5.74 7.41 10.42
CA SER B 217 -4.41 7.41 11.04
C SER B 217 -3.41 6.57 10.27
N THR B 218 -2.15 6.84 10.54
CA THR B 218 -1.08 5.96 10.07
C THR B 218 -0.74 5.07 11.27
N THR B 219 -0.17 3.91 11.01
CA THR B 219 0.27 3.06 12.10
C THR B 219 1.76 3.25 12.42
N HIS B 220 2.49 4.13 11.73
CA HIS B 220 3.95 4.11 11.82
C HIS B 220 4.59 5.36 12.44
N LYS B 221 3.83 6.32 12.95
CA LYS B 221 4.46 7.48 13.56
C LYS B 221 4.54 7.27 15.08
N THR B 222 3.81 8.04 15.89
CA THR B 222 3.91 7.76 17.33
C THR B 222 3.33 6.40 17.71
N LEU B 223 2.56 5.76 16.84
CA LEU B 223 2.08 4.41 17.15
C LEU B 223 3.19 3.37 17.00
N ARG B 224 4.29 3.71 16.36
CA ARG B 224 5.50 2.89 16.32
C ARG B 224 5.22 1.50 15.72
N GLY B 225 4.32 1.44 14.73
CA GLY B 225 4.01 0.17 14.08
C GLY B 225 4.50 0.16 12.64
N PRO B 226 4.05 -0.84 11.89
CA PRO B 226 4.47 -0.95 10.50
C PRO B 226 3.87 0.16 9.68
N ARG B 227 4.46 0.36 8.50
CA ARG B 227 4.02 1.46 7.63
C ARG B 227 2.68 1.09 6.98
N GLY B 228 1.64 1.88 7.22
CA GLY B 228 0.31 1.54 6.76
C GLY B 228 -0.70 2.50 7.34
N GLY B 229 -1.97 2.26 7.02
CA GLY B 229 -3.08 3.09 7.45
C GLY B 229 -4.12 2.39 8.34
N LEU B 230 -5.06 3.20 8.80
CA LEU B 230 -6.04 2.75 9.79
C LEU B 230 -7.23 3.69 9.76
N ILE B 231 -8.45 3.13 9.92
CA ILE B 231 -9.66 3.94 10.03
C ILE B 231 -10.43 3.43 11.24
N LEU B 232 -11.01 4.36 12.03
CA LEU B 232 -11.81 4.05 13.19
C LEU B 232 -13.10 4.87 13.19
N SER B 233 -14.11 4.38 13.91
CA SER B 233 -15.30 5.20 14.08
C SER B 233 -16.06 4.73 15.30
N ASN B 234 -16.81 5.64 15.93
N ASN B 234 -16.81 5.67 15.91
CA ASN B 234 -17.71 5.15 16.96
CA ASN B 234 -17.77 5.32 16.95
C ASN B 234 -19.09 4.81 16.39
C ASN B 234 -19.07 4.79 16.39
N ASP B 235 -19.24 4.84 15.06
CA ASP B 235 -20.50 4.50 14.39
C ASP B 235 -20.25 3.32 13.46
N PRO B 236 -20.63 2.10 13.87
CA PRO B 236 -20.35 0.92 13.04
C PRO B 236 -21.13 0.91 11.74
N GLU B 237 -22.20 1.69 11.64
CA GLU B 237 -22.92 1.80 10.38
C GLU B 237 -22.18 2.67 9.38
N LEU B 238 -21.66 3.82 9.82
CA LEU B 238 -20.72 4.56 9.00
C LEU B 238 -19.52 3.68 8.63
N GLY B 239 -19.06 2.87 9.58
CA GLY B 239 -17.95 1.96 9.29
C GLY B 239 -18.24 1.04 8.14
N LYS B 240 -19.46 0.48 8.09
CA LYS B 240 -19.80 -0.41 6.98
C LYS B 240 -19.70 0.30 5.64
N ARG B 241 -20.11 1.57 5.59
CA ARG B 241 -19.99 2.37 4.37
C ARG B 241 -18.52 2.50 3.95
N ILE B 242 -17.65 2.83 4.91
CA ILE B 242 -16.24 3.07 4.59
C ILE B 242 -15.55 1.77 4.21
N ASP B 243 -15.93 0.64 4.82
CA ASP B 243 -15.37 -0.65 4.41
C ASP B 243 -15.52 -0.86 2.92
N LYS B 244 -16.70 -0.50 2.36
CA LYS B 244 -16.92 -0.66 0.93
C LYS B 244 -16.01 0.23 0.09
N LEU B 245 -15.63 1.40 0.60
CA LEU B 245 -14.74 2.26 -0.17
C LEU B 245 -13.30 1.79 -0.11
N ILE B 246 -12.86 1.18 1.01
CA ILE B 246 -11.52 0.60 1.01
C ILE B 246 -11.47 -0.57 0.02
N PHE B 247 -12.50 -1.42 0.05
CA PHE B 247 -12.57 -2.56 -0.87
C PHE B 247 -14.05 -2.87 -1.08
N PRO B 248 -14.55 -2.93 -2.34
CA PRO B 248 -13.81 -2.89 -3.61
C PRO B 248 -13.53 -1.49 -4.12
N GLY B 249 -13.73 -0.43 -3.33
CA GLY B 249 -13.63 0.92 -3.84
C GLY B 249 -12.27 1.37 -4.35
N ILE B 250 -11.21 1.32 -3.53
CA ILE B 250 -9.91 1.91 -3.95
C ILE B 250 -8.75 0.93 -3.82
N GLN B 251 -8.91 -0.18 -3.10
CA GLN B 251 -7.82 -1.14 -2.99
C GLN B 251 -8.26 -2.47 -3.58
N GLY B 252 -7.27 -3.36 -3.76
CA GLY B 252 -7.51 -4.75 -4.11
C GLY B 252 -7.17 -5.66 -2.92
N GLY B 253 -6.20 -6.56 -3.06
CA GLY B 253 -5.85 -7.40 -1.93
C GLY B 253 -5.14 -6.59 -0.86
N PRO B 254 -5.52 -6.80 0.41
CA PRO B 254 -4.81 -6.14 1.51
C PRO B 254 -3.46 -6.76 1.78
N LEU B 255 -2.60 -6.02 2.46
CA LEU B 255 -1.28 -6.53 2.82
C LEU B 255 -1.39 -7.24 4.16
N GLU B 256 -1.71 -8.54 4.15
CA GLU B 256 -2.01 -9.21 5.42
C GLU B 256 -0.78 -9.39 6.30
N HIS B 257 0.42 -9.51 5.72
CA HIS B 257 1.64 -9.46 6.54
C HIS B 257 1.78 -8.12 7.27
N VAL B 258 1.43 -7.01 6.61
CA VAL B 258 1.48 -5.72 7.31
C VAL B 258 0.40 -5.66 8.38
N ILE B 259 -0.78 -6.24 8.09
CA ILE B 259 -1.87 -6.24 9.06
C ILE B 259 -1.48 -7.04 10.30
N ALA B 260 -0.78 -8.15 10.10
CA ALA B 260 -0.21 -8.89 11.24
C ALA B 260 0.72 -8.00 12.02
N GLY B 261 1.55 -7.21 11.32
CA GLY B 261 2.40 -6.24 11.98
C GLY B 261 1.61 -5.20 12.75
N LYS B 262 0.45 -4.78 12.22
CA LYS B 262 -0.40 -3.84 12.94
C LYS B 262 -0.92 -4.45 14.24
N ALA B 263 -1.36 -5.70 14.17
CA ALA B 263 -1.77 -6.40 15.39
C ALA B 263 -0.66 -6.38 16.44
N VAL B 264 0.58 -6.69 16.03
CA VAL B 264 1.73 -6.68 16.95
C VAL B 264 1.93 -5.29 17.54
N ALA B 265 1.89 -4.26 16.69
CA ALA B 265 2.07 -2.89 17.18
C ALA B 265 0.97 -2.51 18.17
N PHE B 266 -0.27 -2.95 17.93
CA PHE B 266 -1.33 -2.57 18.85
C PHE B 266 -1.14 -3.27 20.20
N PHE B 267 -0.71 -4.54 20.16
CA PHE B 267 -0.32 -5.27 21.37
C PHE B 267 0.77 -4.52 22.14
N GLU B 268 1.81 -4.05 21.43
CA GLU B 268 2.85 -3.29 22.11
C GLU B 268 2.31 -2.00 22.70
N ALA B 269 1.34 -1.37 22.04
CA ALA B 269 0.84 -0.08 22.51
C ALA B 269 -0.09 -0.24 23.70
N LEU B 270 -0.72 -1.40 23.85
CA LEU B 270 -1.55 -1.69 25.02
C LEU B 270 -0.72 -1.96 26.28
N GLN B 271 0.61 -2.12 26.16
CA GLN B 271 1.43 -2.43 27.33
C GLN B 271 1.70 -1.18 28.17
N PRO B 272 1.79 -1.34 29.49
CA PRO B 272 2.12 -0.17 30.34
C PRO B 272 3.42 0.49 29.95
N GLU B 273 4.37 -0.26 29.41
CA GLU B 273 5.63 0.33 29.00
C GLU B 273 5.45 1.36 27.88
N PHE B 274 4.39 1.22 27.10
CA PHE B 274 4.18 2.16 26.00
C PHE B 274 3.72 3.51 26.53
N LYS B 275 2.99 3.50 27.64
CA LYS B 275 2.57 4.76 28.25
C LYS B 275 3.76 5.54 28.77
N GLU B 276 4.73 4.84 29.37
CA GLU B 276 5.94 5.51 29.85
C GLU B 276 6.81 5.98 28.70
N TYR B 277 6.96 5.16 27.66
CA TYR B 277 7.64 5.57 26.43
C TYR B 277 7.03 6.87 25.89
N SER B 278 5.70 6.92 25.74
CA SER B 278 5.04 8.09 25.17
C SER B 278 5.21 9.31 26.08
N ARG B 279 5.17 9.11 27.40
CA ARG B 279 5.43 10.22 28.32
C ARG B 279 6.80 10.83 28.04
N LEU B 280 7.82 9.98 27.86
CA LEU B 280 9.16 10.46 27.61
C LEU B 280 9.28 11.10 26.24
N VAL B 281 8.53 10.60 25.25
CA VAL B 281 8.50 11.26 23.95
C VAL B 281 8.17 12.73 24.12
N VAL B 282 7.09 13.00 24.83
CA VAL B 282 6.59 14.40 25.00
C VAL B 282 7.57 15.23 25.85
N GLU B 283 8.04 14.64 26.95
CA GLU B 283 9.02 15.35 27.75
C GLU B 283 10.27 15.67 26.94
N ASN B 284 10.75 14.71 26.12
CA ASN B 284 11.92 14.98 25.29
C ASN B 284 11.66 16.11 24.32
N ALA B 285 10.46 16.14 23.71
CA ALA B 285 10.19 17.17 22.71
C ALA B 285 10.11 18.55 23.36
N LYS B 286 9.45 18.61 24.50
CA LYS B 286 9.36 19.92 25.23
C LYS B 286 10.76 20.38 25.64
N ARG B 287 11.55 19.45 26.18
CA ARG B 287 12.87 19.83 26.68
C ARG B 287 13.79 20.24 25.53
N LEU B 288 13.77 19.47 24.43
CA LEU B 288 14.62 19.82 23.30
C LEU B 288 14.22 21.18 22.72
N ALA B 289 12.92 21.46 22.60
CA ALA B 289 12.49 22.77 22.11
C ALA B 289 12.96 23.87 23.06
N GLU B 290 12.87 23.64 24.37
CA GLU B 290 13.31 24.63 25.34
C GLU B 290 14.81 24.83 25.27
N GLU B 291 15.56 23.73 25.09
CA GLU B 291 17.01 23.86 24.97
C GLU B 291 17.42 24.62 23.72
N LEU B 292 16.72 24.41 22.59
CA LEU B 292 17.05 25.23 21.41
C LEU B 292 16.58 26.68 21.60
N ALA B 293 15.42 26.90 22.21
CA ALA B 293 15.02 28.29 22.48
C ALA B 293 16.07 29.04 23.29
N ARG B 294 16.67 28.37 24.29
CA ARG B 294 17.70 28.99 25.13
C ARG B 294 19.01 29.22 24.38
N ARG B 295 19.17 28.65 23.20
CA ARG B 295 20.28 28.92 22.31
C ARG B 295 19.93 29.93 21.25
N GLY B 296 18.73 30.51 21.32
CA GLY B 296 18.39 31.59 20.42
C GLY B 296 17.57 31.20 19.21
N TYR B 297 17.02 29.99 19.16
CA TYR B 297 16.16 29.59 18.04
C TYR B 297 14.71 29.93 18.36
N ARG B 298 13.97 30.34 17.34
CA ARG B 298 12.55 30.64 17.49
C ARG B 298 11.74 29.38 17.27
N ILE B 299 10.97 29.01 18.26
CA ILE B 299 10.09 27.85 18.19
C ILE B 299 8.69 28.35 17.90
N VAL B 300 8.07 27.77 16.87
CA VAL B 300 6.71 28.19 16.48
C VAL B 300 5.76 27.85 17.62
N THR B 301 4.95 28.84 18.02
CA THR B 301 4.08 28.86 19.20
C THR B 301 4.88 28.90 20.49
N GLY B 302 6.20 28.92 20.44
CA GLY B 302 6.99 28.97 21.66
C GLY B 302 7.33 27.63 22.27
N GLY B 303 6.81 26.53 21.74
CA GLY B 303 7.01 25.24 22.40
C GLY B 303 6.15 24.18 21.73
N THR B 304 5.75 23.18 22.53
CA THR B 304 4.95 22.08 22.00
C THR B 304 4.16 21.41 23.11
N ASP B 305 2.99 20.87 22.74
CA ASP B 305 2.21 19.99 23.60
C ASP B 305 2.41 18.51 23.24
N ASN B 306 3.15 18.27 22.18
CA ASN B 306 3.22 16.87 21.71
C ASN B 306 4.64 16.43 21.39
N HIS B 307 4.77 15.57 20.38
CA HIS B 307 6.04 14.96 20.02
C HIS B 307 6.88 15.79 19.05
N LEU B 308 6.36 16.92 18.53
CA LEU B 308 7.05 17.63 17.46
C LEU B 308 7.10 19.12 17.76
N PHE B 309 8.02 19.81 17.07
CA PHE B 309 8.00 21.26 17.08
C PHE B 309 8.61 21.77 15.78
N LEU B 310 8.36 23.05 15.50
CA LEU B 310 8.91 23.71 14.32
C LEU B 310 9.87 24.79 14.77
N VAL B 311 10.97 24.92 14.05
CA VAL B 311 11.95 25.99 14.28
C VAL B 311 11.83 26.95 13.10
N ASP B 312 11.57 28.21 13.39
CA ASP B 312 11.52 29.27 12.38
C ASP B 312 12.94 29.79 12.20
N LEU B 313 13.55 29.48 11.05
CA LEU B 313 14.96 29.81 10.80
C LEU B 313 15.15 31.16 10.10
N ARG B 314 14.09 31.91 9.83
CA ARG B 314 14.26 33.22 9.17
C ARG B 314 15.24 34.11 9.93
N PRO B 315 15.19 34.25 11.25
CA PRO B 315 16.18 35.11 11.94
C PRO B 315 17.61 34.66 11.75
N LYS B 316 17.87 33.39 11.39
CA LYS B 316 19.24 32.92 11.16
C LYS B 316 19.67 33.00 9.70
N GLY B 317 18.82 33.51 8.81
CA GLY B 317 19.19 33.60 7.42
C GLY B 317 19.39 32.28 6.71
N LEU B 318 18.73 31.20 7.16
CA LEU B 318 18.85 29.89 6.54
C LEU B 318 17.47 29.46 6.05
N THR B 319 17.42 28.83 4.88
CA THR B 319 16.18 28.16 4.51
C THR B 319 16.12 26.80 5.19
N GLY B 320 14.92 26.21 5.21
CA GLY B 320 14.82 24.87 5.78
C GLY B 320 15.62 23.86 4.99
N LYS B 321 15.65 24.02 3.66
CA LYS B 321 16.45 23.15 2.81
C LYS B 321 17.93 23.23 3.17
N GLU B 322 18.44 24.45 3.41
CA GLU B 322 19.85 24.59 3.79
C GLU B 322 20.11 23.98 5.16
N ALA B 323 19.23 24.24 6.14
CA ALA B 323 19.37 23.64 7.47
C ALA B 323 19.35 22.13 7.37
N GLU B 324 18.42 21.57 6.60
CA GLU B 324 18.35 20.12 6.49
C GLU B 324 19.65 19.55 5.95
N GLU B 325 20.23 20.22 4.96
CA GLU B 325 21.50 19.73 4.37
C GLU B 325 22.64 19.83 5.40
N ARG B 326 22.72 20.96 6.08
CA ARG B 326 23.81 21.13 7.04
C ARG B 326 23.74 20.13 8.17
N LEU B 327 22.53 19.87 8.66
CA LEU B 327 22.39 18.92 9.75
C LEU B 327 22.71 17.52 9.26
N ASP B 328 22.23 17.17 8.06
CA ASP B 328 22.48 15.83 7.55
C ASP B 328 23.96 15.59 7.32
N ALA B 329 24.73 16.65 6.99
CA ALA B 329 26.16 16.51 6.79
C ALA B 329 26.87 15.98 8.04
N VAL B 330 26.33 16.22 9.23
CA VAL B 330 26.95 15.68 10.44
C VAL B 330 26.10 14.60 11.09
N GLY B 331 25.20 13.99 10.31
CA GLY B 331 24.43 12.83 10.74
C GLY B 331 23.19 13.15 11.55
N ILE B 332 22.71 14.40 11.51
CA ILE B 332 21.48 14.77 12.21
C ILE B 332 20.41 14.94 11.12
N THR B 333 19.41 14.07 11.16
CA THR B 333 18.42 13.99 10.09
C THR B 333 17.12 14.66 10.52
N VAL B 334 16.71 15.70 9.78
CA VAL B 334 15.43 16.36 10.02
C VAL B 334 14.73 16.43 8.68
N ASN B 335 13.64 17.16 8.60
CA ASN B 335 13.19 17.57 7.29
C ASN B 335 12.90 19.06 7.31
N LYS B 336 13.28 19.72 6.22
CA LYS B 336 12.77 21.06 5.98
C LYS B 336 11.25 21.01 6.12
N ASN B 337 10.67 22.09 6.60
CA ASN B 337 9.23 22.09 6.82
C ASN B 337 8.71 23.51 6.69
N ALA B 338 7.59 23.64 5.97
CA ALA B 338 6.80 24.85 6.00
C ALA B 338 6.49 25.26 7.44
N ILE B 339 6.46 26.57 7.66
CA ILE B 339 5.98 27.15 8.91
C ILE B 339 4.78 28.03 8.57
N PRO B 340 3.98 28.41 9.57
CA PRO B 340 2.81 29.26 9.30
C PRO B 340 3.23 30.53 8.57
N PHE B 341 2.51 30.84 7.49
CA PHE B 341 2.75 32.04 6.71
C PHE B 341 4.10 32.00 6.02
N ASP B 342 4.57 30.79 5.66
CA ASP B 342 5.88 30.63 5.03
C ASP B 342 5.93 31.38 3.70
N PRO B 343 6.87 32.31 3.52
CA PRO B 343 7.06 32.95 2.20
C PRO B 343 7.73 32.05 1.16
N LYS B 344 8.27 30.87 1.54
CA LYS B 344 8.96 30.02 0.58
C LYS B 344 8.16 28.77 0.27
N PRO B 345 8.34 28.17 -0.90
CA PRO B 345 7.52 26.99 -1.28
C PRO B 345 8.06 25.71 -0.66
N PRO B 346 7.27 24.64 -0.69
CA PRO B 346 7.64 23.43 0.07
C PRO B 346 9.01 22.83 -0.24
N ARG B 347 9.55 23.02 -1.46
CA ARG B 347 10.87 22.46 -1.72
C ARG B 347 11.99 23.28 -1.06
N VAL B 348 11.69 24.47 -0.57
CA VAL B 348 12.67 25.32 0.12
C VAL B 348 12.32 25.47 1.61
N THR B 349 11.18 26.11 1.90
CA THR B 349 10.66 26.41 3.25
C THR B 349 11.55 27.35 4.07
N SER B 350 11.00 27.86 5.17
CA SER B 350 11.73 28.72 6.09
C SER B 350 12.00 28.05 7.44
N GLY B 351 11.73 26.75 7.57
CA GLY B 351 11.92 26.14 8.85
C GLY B 351 12.31 24.68 8.76
N ILE B 352 12.50 24.10 9.94
CA ILE B 352 12.70 22.66 10.06
C ILE B 352 11.75 22.12 11.11
N ARG B 353 11.37 20.87 10.92
CA ARG B 353 10.53 20.18 11.88
C ARG B 353 11.37 19.13 12.55
N ILE B 354 11.25 19.06 13.87
CA ILE B 354 11.96 18.10 14.71
C ILE B 354 10.95 17.34 15.55
N GLY B 355 11.13 16.03 15.68
CA GLY B 355 10.33 15.27 16.62
C GLY B 355 11.19 14.22 17.30
N THR B 356 10.74 13.80 18.48
CA THR B 356 11.47 12.87 19.33
C THR B 356 11.02 11.40 19.37
N PRO B 357 9.93 10.96 18.71
CA PRO B 357 9.54 9.54 18.87
C PRO B 357 10.68 8.57 18.58
N ALA B 358 11.45 8.82 17.53
CA ALA B 358 12.45 7.85 17.10
C ALA B 358 13.61 7.79 18.09
N ILE B 359 14.16 8.95 18.49
CA ILE B 359 15.28 8.85 19.42
C ILE B 359 14.81 8.37 20.78
N THR B 360 13.57 8.67 21.18
CA THR B 360 13.09 8.20 22.48
C THR B 360 13.00 6.67 22.48
N THR B 361 12.61 6.09 21.35
CA THR B 361 12.59 4.64 21.20
C THR B 361 13.97 4.04 21.44
N ARG B 362 15.02 4.73 21.05
CA ARG B 362 16.37 4.23 21.27
C ARG B 362 16.88 4.50 22.67
N GLY B 363 16.07 5.09 23.53
CA GLY B 363 16.41 5.30 24.93
C GLY B 363 16.95 6.68 25.29
N PHE B 364 16.86 7.65 24.38
CA PHE B 364 17.24 9.02 24.73
C PHE B 364 16.33 9.57 25.82
N THR B 365 16.92 10.29 26.80
CA THR B 365 16.21 10.81 27.96
C THR B 365 16.21 12.32 27.95
N PRO B 366 15.33 12.94 28.72
CA PRO B 366 15.27 14.40 28.72
C PRO B 366 16.60 15.05 29.10
N GLU B 367 17.39 14.40 29.96
CA GLU B 367 18.68 14.95 30.35
C GLU B 367 19.72 14.91 29.25
N GLU B 368 19.47 14.17 28.18
CA GLU B 368 20.34 14.20 27.02
C GLU B 368 19.96 15.26 26.01
N MET B 369 18.79 15.89 26.17
CA MET B 369 18.39 16.86 25.16
C MET B 369 19.29 18.10 25.15
N PRO B 370 19.86 18.52 26.28
CA PRO B 370 20.85 19.62 26.16
C PRO B 370 21.99 19.31 25.22
N LEU B 371 22.47 18.06 25.20
CA LEU B 371 23.53 17.68 24.28
C LEU B 371 23.03 17.64 22.84
N VAL B 372 21.82 17.13 22.62
CA VAL B 372 21.29 17.12 21.25
C VAL B 372 21.13 18.54 20.74
N ALA B 373 20.57 19.42 21.57
CA ALA B 373 20.44 20.83 21.17
C ALA B 373 21.79 21.43 20.80
N GLU B 374 22.83 21.12 21.57
CA GLU B 374 24.18 21.68 21.28
C GLU B 374 24.65 21.21 19.90
N LEU B 375 24.47 19.92 19.61
CA LEU B 375 24.95 19.39 18.33
C LEU B 375 24.19 20.01 17.18
N ILE B 376 22.87 20.19 17.33
CA ILE B 376 22.08 20.84 16.28
C ILE B 376 22.59 22.27 16.06
N ASP B 377 22.78 23.00 17.17
CA ASP B 377 23.21 24.39 17.11
C ASP B 377 24.56 24.51 16.41
N ARG B 378 25.50 23.68 16.80
CA ARG B 378 26.85 23.72 16.18
C ARG B 378 26.76 23.38 14.68
N ALA B 379 25.94 22.38 14.35
CA ALA B 379 25.80 22.02 12.94
C ALA B 379 25.30 23.21 12.12
N LEU B 380 24.33 23.96 12.65
CA LEU B 380 23.81 25.11 11.91
C LEU B 380 24.80 26.28 11.91
N LEU B 381 25.46 26.54 13.04
CA LEU B 381 26.35 27.69 13.20
C LEU B 381 27.71 27.48 12.55
N GLU B 382 28.34 26.32 12.76
CA GLU B 382 29.69 26.06 12.28
C GLU B 382 29.74 25.30 10.97
N GLY B 383 28.65 24.66 10.57
CA GLY B 383 28.68 23.81 9.41
C GLY B 383 29.42 22.53 9.72
N PRO B 384 29.62 21.70 8.70
CA PRO B 384 30.10 20.33 8.94
C PRO B 384 31.58 20.25 9.32
N SER B 385 31.92 19.21 10.06
CA SER B 385 33.30 18.88 10.36
C SER B 385 33.31 17.43 10.79
N GLU B 386 34.45 16.77 10.59
CA GLU B 386 34.49 15.36 10.95
C GLU B 386 34.40 15.19 12.46
N ALA B 387 34.99 16.11 13.23
CA ALA B 387 34.89 16.00 14.67
C ALA B 387 33.44 16.07 15.12
N LEU B 388 32.64 16.95 14.52
CA LEU B 388 31.24 17.07 14.90
C LEU B 388 30.44 15.85 14.48
N ARG B 389 30.67 15.39 13.25
CA ARG B 389 30.07 14.14 12.78
C ARG B 389 30.38 12.99 13.73
N GLU B 390 31.63 12.89 14.19
CA GLU B 390 31.97 11.79 15.10
C GLU B 390 31.30 11.95 16.47
N GLU B 391 31.16 13.18 16.96
CA GLU B 391 30.42 13.41 18.20
C GLU B 391 28.98 12.90 18.09
N VAL B 392 28.34 13.22 16.98
CA VAL B 392 26.98 12.73 16.72
C VAL B 392 26.99 11.21 16.65
N ARG B 393 27.97 10.63 15.95
CA ARG B 393 28.03 9.18 15.82
C ARG B 393 28.20 8.48 17.16
N ARG B 394 29.10 9.00 18.02
CA ARG B 394 29.27 8.43 19.36
C ARG B 394 27.98 8.46 20.16
N LEU B 395 27.28 9.61 20.14
CA LEU B 395 26.05 9.72 20.91
C LEU B 395 25.01 8.74 20.39
N ALA B 396 24.90 8.61 19.07
CA ALA B 396 23.97 7.65 18.50
C ALA B 396 24.34 6.21 18.91
N LEU B 397 25.63 5.85 18.79
CA LEU B 397 26.04 4.48 19.10
C LEU B 397 25.94 4.16 20.59
N ALA B 398 25.84 5.19 21.43
CA ALA B 398 25.56 4.96 22.85
C ALA B 398 24.15 4.47 23.09
N HIS B 399 23.29 4.48 22.06
CA HIS B 399 21.89 4.08 22.19
C HIS B 399 21.57 2.99 21.17
N PRO B 400 22.00 1.76 21.43
CA PRO B 400 21.79 0.68 20.46
C PRO B 400 20.33 0.27 20.42
N MET B 401 19.96 -0.37 19.31
CA MET B 401 18.66 -1.01 19.22
C MET B 401 18.68 -2.16 18.23
N PRO B 402 18.33 -3.38 18.67
CA PRO B 402 18.10 -4.49 17.72
C PRO B 402 16.91 -4.24 16.76
N SER C . -9.14 -11.35 -7.59
CA SER C . -7.67 -11.20 -7.89
C SER C . -7.40 -11.68 -9.32
O SER C . -8.38 -12.15 -9.92
CB SER C . -6.85 -12.01 -6.87
OG SER C . -7.10 -13.37 -7.17
OXT SER C . -6.26 -11.51 -9.74
S SO4 D . -2.88 10.77 -27.09
O1 SO4 D . -2.98 9.44 -26.57
O2 SO4 D . -3.27 11.72 -26.09
O3 SO4 D . -1.53 11.02 -27.46
O4 SO4 D . -3.74 10.91 -28.23
C KOU E . 5.10 13.54 7.55
N KOU E . 2.79 12.64 6.92
O KOU E . 4.46 14.26 8.29
P KOU E . 1.25 8.08 4.40
N1 KOU E . -2.10 12.15 7.56
C2 KOU E . -1.27 12.89 8.26
C3 KOU E . 0.13 12.79 7.93
O3 KOU E . 0.93 13.47 8.58
C4 KOU E . 0.53 11.86 6.87
C5 KOU E . -0.45 11.12 6.17
C6 KOU E . -1.77 11.31 6.56
CA KOU E . 4.22 12.64 6.59
CB KOU E . 4.28 13.20 5.21
OG KOU E . 3.24 12.75 4.35
O1P KOU E . 2.57 8.78 4.21
C2A KOU E . -1.73 13.81 9.35
O2P KOU E . 1.45 6.75 5.05
O3P KOU E . 0.49 7.95 3.11
C4A KOU E . 1.95 11.77 6.54
O4P KOU E . 0.38 8.97 5.44
C5A KOU E . -0.21 10.15 5.00
OXT KOU E . 6.27 13.47 7.47
N1 FFO F . 4.27 19.57 6.56
C2 FFO F . 2.96 19.94 6.36
NA2 FFO F . 2.51 21.00 7.07
N3 FFO F . 2.18 19.33 5.54
C4 FFO F . 2.60 18.22 4.85
O4 FFO F . 1.85 17.68 4.02
C4A FFO F . 4.00 17.86 4.96
N5 FFO F . 4.53 16.74 4.28
C6 FFO F . 5.98 16.52 4.32
C7 FFO F . 6.60 16.90 5.66
N8 FFO F . 6.07 18.16 6.15
C8A FFO F . 4.78 18.48 5.91
C9 FFO F . 6.61 17.32 3.15
N10 FFO F . 5.97 16.90 1.92
C11 FFO F . 4.62 19.32 -1.27
C12 FFO F . 4.39 19.69 0.08
C13 FFO F . 4.83 18.91 1.13
C14 FFO F . 5.54 17.70 0.89
C15 FFO F . 5.76 17.34 -0.46
C16 FFO F . 5.31 18.13 -1.50
C FFO F . 4.12 20.22 -2.36
O FFO F . 3.24 21.07 -2.14
N FFO F . 4.66 20.02 -3.59
CA FFO F . 4.25 20.79 -4.76
CB FFO F . 5.05 22.09 -4.95
CG FFO F . 6.52 22.05 -4.54
CD FFO F . 7.27 23.40 -4.70
OE1 FFO F . 7.07 24.06 -5.74
OE2 FFO F . 8.03 23.72 -3.75
CT FFO F . 4.37 19.89 -6.04
O1 FFO F . 5.00 18.82 -5.89
O2 FFO F . 3.83 20.34 -7.08
C5A FFO F . 3.74 15.81 3.67
O5B FFO F . 4.18 14.84 3.07
S SO4 G . -24.23 14.20 8.82
O1 SO4 G . -25.27 15.06 9.29
O2 SO4 G . -24.44 13.89 7.44
O3 SO4 G . -22.97 14.87 8.99
O4 SO4 G . -24.22 13.00 9.59
#